data_1G87
#
_entry.id   1G87
#
_cell.length_a   56.850
_cell.length_b   57.720
_cell.length_c   86.270
_cell.angle_alpha   94.22
_cell.angle_beta   100.87
_cell.angle_gamma   99.61
#
_symmetry.space_group_name_H-M   'P 1'
#
loop_
_entity.id
_entity.type
_entity.pdbx_description
1 polymer 'ENDOCELLULASE 9G'
2 non-polymer 'CALCIUM ION'
3 non-polymer 'MAGNESIUM ION'
4 non-polymer 1,2-ETHANEDIOL
5 non-polymer GLYCEROL
6 water water
#
_entity_poly.entity_id   1
_entity_poly.type   'polypeptide(L)'
_entity_poly.pdbx_seq_one_letter_code
;AGTYNYGEALQKSIMFYEFQRSGDLPADKRDNWRDDSGMKDGSDVGVDLTGGWYDAGDHVKFNLPMSYTSAMLAWSLYED
KDAYDKSGQTKYIMDGIKWANDYFIKCNPTPGVYYYQVGDGGKDHSWWGPAEVMQMERPSFKVDASKPGSAVCASTAASL
ASAAVVFKSSDPTYAEKCISHAKNLFDMADKAKSDAGYTAASGYYSSSSFYDDLSWAAVWLYLATNDSTYLDKAESYVPN
WGKEQQTDIIAYKWGQCWDDVHYGAELLLAKLTNKQLYKDSIEMNLDFWTTGVNGTRVSYTPKGLAWLFQWGSLRHATTQ
AFLAGVYAEWEGCTPSKVSVYKDFLKSQIDYALGSTGRSFVVGYGVNPPQHPHHRTAHGSWTDQMTSPTYHRHTIYGALV
GGPDNADGYTDEINNYVNNEIACDYNAGFTGALAKMYKHSGGDPIPNFKAIEKITNDEVIIKAGLNSTGPNYTEIKAVVY
NQTGWPARVTDKISFKYFMDLSEIVAAGIDPLSLVTSSNYSEGKNTKVSGVLPWDVSNNVYYVNVDLTGENIYPGGQSAC
RREVQFRIAAPQGTTYWNPKNDFSYDGLPTTSTVNTVTNIPVYDNGVKVFGNEP
;
_entity_poly.pdbx_strand_id   A,B
#
# COMPACT_ATOMS: atom_id res chain seq x y z
N THR A 3 11.33 19.49 25.32
CA THR A 3 10.07 20.26 25.46
C THR A 3 9.43 20.42 24.08
N TYR A 4 8.76 21.54 23.84
CA TYR A 4 8.13 21.74 22.54
C TYR A 4 8.57 23.02 21.88
N ASN A 5 8.53 23.02 20.55
CA ASN A 5 8.90 24.19 19.80
C ASN A 5 7.68 25.11 19.75
N TYR A 6 7.63 26.06 20.66
CA TYR A 6 6.51 26.99 20.74
C TYR A 6 6.48 28.01 19.60
N GLY A 7 7.65 28.39 19.10
CA GLY A 7 7.71 29.35 18.01
C GLY A 7 7.11 28.80 16.72
N GLU A 8 7.41 27.53 16.44
CA GLU A 8 6.90 26.87 15.25
C GLU A 8 5.40 26.72 15.42
N ALA A 9 4.98 26.36 16.63
CA ALA A 9 3.55 26.19 16.93
C ALA A 9 2.84 27.51 16.69
N LEU A 10 3.40 28.59 17.22
CA LEU A 10 2.83 29.93 17.06
C LEU A 10 2.71 30.29 15.59
N GLN A 11 3.80 30.08 14.85
CA GLN A 11 3.84 30.37 13.43
C GLN A 11 2.72 29.62 12.69
N LYS A 12 2.57 28.33 12.96
CA LYS A 12 1.54 27.55 12.28
C LYS A 12 0.12 27.93 12.71
N SER A 13 -0.08 28.26 13.99
CA SER A 13 -1.42 28.66 14.47
C SER A 13 -1.88 29.92 13.74
N ILE A 14 -0.96 30.86 13.55
CA ILE A 14 -1.31 32.08 12.81
C ILE A 14 -1.62 31.69 11.38
N MET A 15 -0.79 30.83 10.80
CA MET A 15 -0.97 30.42 9.42
C MET A 15 -2.30 29.77 9.19
N PHE A 16 -2.82 29.08 10.21
CA PHE A 16 -4.12 28.40 10.08
C PHE A 16 -5.19 29.32 9.50
N TYR A 17 -5.20 30.56 9.97
CA TYR A 17 -6.20 31.49 9.50
C TYR A 17 -6.09 31.83 8.03
N GLU A 18 -4.87 31.81 7.48
CA GLU A 18 -4.69 32.09 6.06
C GLU A 18 -5.43 31.03 5.24
N PHE A 19 -5.52 29.81 5.75
CA PHE A 19 -6.22 28.73 5.03
C PHE A 19 -7.75 28.87 5.14
N GLN A 20 -8.18 29.69 6.08
CA GLN A 20 -9.59 29.95 6.31
C GLN A 20 -10.11 31.14 5.51
N ARG A 21 -9.20 31.88 4.89
CA ARG A 21 -9.60 33.07 4.13
C ARG A 21 -10.57 32.87 2.99
N SER A 22 -11.58 33.74 2.96
CA SER A 22 -12.57 33.76 1.91
C SER A 22 -12.26 35.03 1.10
N GLY A 23 -12.70 35.08 -0.15
CA GLY A 23 -12.49 36.28 -0.93
C GLY A 23 -11.32 36.26 -1.90
N ASP A 24 -10.94 37.46 -2.34
CA ASP A 24 -9.86 37.66 -3.30
C ASP A 24 -8.55 37.55 -2.55
N LEU A 25 -7.87 36.42 -2.68
CA LEU A 25 -6.63 36.21 -1.95
C LEU A 25 -5.42 36.96 -2.50
N PRO A 26 -4.51 37.37 -1.61
CA PRO A 26 -3.30 38.12 -1.96
C PRO A 26 -2.38 37.39 -2.90
N ALA A 27 -1.68 38.19 -3.71
CA ALA A 27 -0.69 37.67 -4.64
C ALA A 27 0.46 37.12 -3.78
N ASP A 28 0.69 37.75 -2.62
CA ASP A 28 1.75 37.33 -1.70
C ASP A 28 1.43 36.07 -0.89
N LYS A 29 0.38 35.37 -1.27
CA LYS A 29 -0.09 34.14 -0.60
C LYS A 29 1.05 33.10 -0.49
N ARG A 30 1.13 32.39 0.63
CA ARG A 30 2.19 31.39 0.78
C ARG A 30 1.72 29.94 0.75
N ASP A 31 0.71 29.67 -0.05
CA ASP A 31 0.20 28.32 -0.21
C ASP A 31 -0.21 28.23 -1.67
N ASN A 32 -0.41 27.02 -2.17
CA ASN A 32 -0.81 26.87 -3.56
C ASN A 32 -2.08 26.05 -3.65
N TRP A 33 -2.85 25.99 -2.57
CA TRP A 33 -4.10 25.23 -2.62
C TRP A 33 -5.36 26.01 -2.28
N ARG A 34 -5.21 27.26 -1.87
CA ARG A 34 -6.37 28.12 -1.63
C ARG A 34 -6.36 29.18 -2.74
N ASP A 35 -7.53 29.58 -3.19
CA ASP A 35 -7.63 30.61 -4.23
C ASP A 35 -8.92 31.37 -3.99
N ASP A 36 -9.24 32.29 -4.90
CA ASP A 36 -10.42 33.10 -4.78
C ASP A 36 -11.66 32.25 -4.55
N SER A 37 -12.52 32.72 -3.66
CA SER A 37 -13.75 32.00 -3.33
C SER A 37 -14.71 32.97 -2.65
N GLY A 38 -16.00 32.61 -2.62
CA GLY A 38 -17.01 33.50 -2.03
C GLY A 38 -16.90 34.85 -2.72
N MET A 39 -16.59 34.83 -4.01
CA MET A 39 -16.39 36.08 -4.74
C MET A 39 -17.62 36.91 -5.04
N LYS A 40 -18.80 36.34 -4.82
CA LYS A 40 -20.04 37.08 -5.04
C LYS A 40 -20.70 37.36 -3.69
N ASP A 41 -19.95 37.20 -2.61
CA ASP A 41 -20.51 37.46 -1.29
C ASP A 41 -21.02 38.88 -1.17
N GLY A 42 -22.32 39.00 -0.84
CA GLY A 42 -22.96 40.30 -0.70
C GLY A 42 -23.65 40.77 -1.97
N SER A 43 -23.49 40.03 -3.06
CA SER A 43 -24.09 40.44 -4.34
C SER A 43 -25.60 40.50 -4.24
N ASP A 44 -26.17 39.66 -3.38
CA ASP A 44 -27.62 39.63 -3.20
C ASP A 44 -28.18 40.92 -2.59
N VAL A 45 -27.32 41.70 -1.91
CA VAL A 45 -27.80 42.95 -1.33
C VAL A 45 -27.07 44.16 -1.92
N GLY A 46 -26.25 43.91 -2.94
CA GLY A 46 -25.52 44.96 -3.61
C GLY A 46 -24.37 45.56 -2.83
N VAL A 47 -23.82 44.78 -1.91
CA VAL A 47 -22.68 45.26 -1.11
C VAL A 47 -21.53 44.27 -1.24
N ASP A 48 -20.31 44.79 -1.36
CA ASP A 48 -19.15 43.92 -1.45
C ASP A 48 -18.87 43.42 -0.03
N LEU A 49 -19.18 42.15 0.20
CA LEU A 49 -18.95 41.53 1.51
C LEU A 49 -17.93 40.40 1.38
N THR A 50 -17.06 40.51 0.38
CA THR A 50 -16.07 39.47 0.19
C THR A 50 -15.00 39.60 1.25
N GLY A 51 -14.29 38.52 1.53
CA GLY A 51 -13.25 38.56 2.55
C GLY A 51 -13.67 37.83 3.81
N GLY A 52 -12.93 38.06 4.88
CA GLY A 52 -13.22 37.41 6.15
C GLY A 52 -12.73 35.98 6.15
N TRP A 53 -13.06 35.26 7.22
CA TRP A 53 -12.65 33.87 7.33
C TRP A 53 -13.83 32.95 7.39
N TYR A 54 -13.70 31.80 6.72
CA TYR A 54 -14.69 30.75 6.87
C TYR A 54 -14.61 30.28 8.30
N ASP A 55 -15.73 29.98 8.91
CA ASP A 55 -15.70 29.65 10.30
C ASP A 55 -14.95 28.41 10.76
N ALA A 56 -15.25 27.27 10.18
CA ALA A 56 -14.64 26.05 10.69
C ALA A 56 -14.31 25.16 9.51
N GLY A 57 -14.93 23.98 9.42
CA GLY A 57 -14.68 23.11 8.29
C GLY A 57 -15.68 23.37 7.18
N ASP A 58 -16.45 24.45 7.34
CA ASP A 58 -17.50 24.86 6.41
C ASP A 58 -17.16 26.17 5.73
N HIS A 59 -18.09 26.75 4.99
CA HIS A 59 -17.79 27.99 4.29
C HIS A 59 -18.74 29.14 4.64
N VAL A 60 -19.40 29.01 5.79
CA VAL A 60 -20.24 30.09 6.23
C VAL A 60 -19.34 31.09 6.94
N LYS A 61 -19.65 32.36 6.79
CA LYS A 61 -18.93 33.41 7.49
C LYS A 61 -19.89 33.81 8.62
N PHE A 62 -19.56 33.39 9.84
CA PHE A 62 -20.37 33.65 11.04
C PHE A 62 -19.62 34.74 11.77
N ASN A 63 -20.14 35.96 11.72
CA ASN A 63 -19.39 37.06 12.31
C ASN A 63 -19.19 37.07 13.83
N LEU A 64 -20.04 36.35 14.62
CA LEU A 64 -19.82 36.39 16.07
C LEU A 64 -18.50 35.66 16.39
N PRO A 65 -18.30 34.36 16.03
CA PRO A 65 -17.03 33.68 16.29
C PRO A 65 -15.87 34.32 15.57
N MET A 66 -16.15 34.83 14.37
CA MET A 66 -15.08 35.44 13.55
C MET A 66 -14.51 36.68 14.23
N SER A 67 -15.37 37.52 14.78
CA SER A 67 -14.90 38.74 15.46
C SER A 67 -14.33 38.43 16.83
N TYR A 68 -14.87 37.40 17.48
CA TYR A 68 -14.30 36.96 18.76
C TYR A 68 -12.82 36.60 18.48
N THR A 69 -12.63 35.85 17.40
CA THR A 69 -11.30 35.39 17.03
C THR A 69 -10.31 36.53 16.78
N SER A 70 -10.68 37.46 15.91
CA SER A 70 -9.74 38.55 15.62
C SER A 70 -9.50 39.42 16.84
N ALA A 71 -10.51 39.59 17.70
CA ALA A 71 -10.33 40.37 18.93
C ALA A 71 -9.33 39.64 19.83
N MET A 72 -9.43 38.31 19.89
CA MET A 72 -8.49 37.56 20.73
C MET A 72 -7.06 37.62 20.17
N LEU A 73 -6.93 37.56 18.84
CA LEU A 73 -5.58 37.63 18.24
C LEU A 73 -5.00 39.03 18.49
N ALA A 74 -5.83 40.07 18.35
CA ALA A 74 -5.36 41.43 18.62
C ALA A 74 -4.97 41.55 20.09
N TRP A 75 -5.78 40.97 20.96
CA TRP A 75 -5.44 41.02 22.39
C TRP A 75 -4.05 40.40 22.61
N SER A 76 -3.76 39.27 21.95
CA SER A 76 -2.45 38.67 22.12
C SER A 76 -1.34 39.58 21.62
N LEU A 77 -1.55 40.19 20.46
CA LEU A 77 -0.51 41.07 19.92
C LEU A 77 -0.32 42.29 20.84
N TYR A 78 -1.39 42.73 21.47
CA TYR A 78 -1.32 43.85 22.42
C TYR A 78 -0.50 43.45 23.65
N GLU A 79 -0.71 42.23 24.13
CA GLU A 79 -0.01 41.78 25.32
C GLU A 79 1.42 41.34 25.08
N ASP A 80 1.70 40.78 23.92
CA ASP A 80 2.99 40.21 23.65
C ASP A 80 3.66 40.56 22.34
N LYS A 81 3.63 41.82 21.95
N LYS A 81 3.64 41.82 21.96
CA LYS A 81 4.25 42.23 20.70
CA LYS A 81 4.25 42.25 20.71
C LYS A 81 5.69 41.76 20.63
C LYS A 81 5.70 41.79 20.63
N ASP A 82 6.41 41.84 21.76
CA ASP A 82 7.80 41.40 21.77
C ASP A 82 7.97 39.94 21.34
N ALA A 83 7.02 39.08 21.68
CA ALA A 83 7.10 37.67 21.27
C ALA A 83 6.91 37.58 19.76
N TYR A 84 5.96 38.34 19.23
CA TYR A 84 5.72 38.33 17.80
C TYR A 84 6.92 38.88 17.04
N ASP A 85 7.47 39.99 17.50
CA ASP A 85 8.63 40.58 16.83
C ASP A 85 9.82 39.61 16.81
N LYS A 86 10.14 39.07 17.97
CA LYS A 86 11.26 38.14 18.12
C LYS A 86 11.11 36.87 17.27
N SER A 87 9.89 36.34 17.18
CA SER A 87 9.63 35.13 16.39
C SER A 87 9.54 35.46 14.90
N GLY A 88 9.41 36.75 14.60
CA GLY A 88 9.31 37.17 13.20
C GLY A 88 7.93 36.94 12.63
N GLN A 89 6.94 36.75 13.50
CA GLN A 89 5.57 36.47 13.06
C GLN A 89 4.64 37.68 13.07
N THR A 90 5.15 38.84 13.47
CA THR A 90 4.33 40.04 13.56
C THR A 90 3.56 40.38 12.28
N LYS A 91 4.23 40.31 11.14
N LYS A 91 4.23 40.32 11.14
CA LYS A 91 3.61 40.60 9.86
CA LYS A 91 3.59 40.62 9.87
C LYS A 91 2.41 39.70 9.62
C LYS A 91 2.39 39.70 9.64
N TYR A 92 2.59 38.41 9.88
CA TYR A 92 1.56 37.42 9.67
C TYR A 92 0.33 37.56 10.55
N ILE A 93 0.52 37.80 11.85
CA ILE A 93 -0.65 37.96 12.69
C ILE A 93 -1.34 39.29 12.38
N MET A 94 -0.57 40.33 12.05
CA MET A 94 -1.24 41.57 11.73
C MET A 94 -2.04 41.43 10.44
N ASP A 95 -1.49 40.69 9.46
CA ASP A 95 -2.20 40.50 8.20
C ASP A 95 -3.51 39.74 8.50
N GLY A 96 -3.46 38.78 9.41
CA GLY A 96 -4.68 38.06 9.78
C GLY A 96 -5.72 38.97 10.41
N ILE A 97 -5.28 39.75 11.39
CA ILE A 97 -6.18 40.68 12.07
C ILE A 97 -6.82 41.64 11.08
N LYS A 98 -6.02 42.16 10.15
CA LYS A 98 -6.54 43.08 9.14
C LYS A 98 -7.49 42.37 8.18
N TRP A 99 -7.20 41.12 7.83
CA TRP A 99 -8.10 40.36 6.94
C TRP A 99 -9.52 40.31 7.53
N ALA A 100 -9.62 39.96 8.80
CA ALA A 100 -10.94 39.86 9.42
C ALA A 100 -11.56 41.24 9.55
N ASN A 101 -10.80 42.20 10.03
CA ASN A 101 -11.35 43.53 10.24
C ASN A 101 -11.71 44.30 8.97
N ASP A 102 -10.97 44.08 7.89
CA ASP A 102 -11.30 44.73 6.61
C ASP A 102 -12.69 44.23 6.22
N TYR A 103 -12.98 42.97 6.51
CA TYR A 103 -14.29 42.40 6.20
C TYR A 103 -15.37 42.99 7.11
N PHE A 104 -15.12 43.10 8.42
CA PHE A 104 -16.16 43.69 9.28
C PHE A 104 -16.47 45.12 8.82
N ILE A 105 -15.45 45.83 8.36
CA ILE A 105 -15.65 47.19 7.87
C ILE A 105 -16.62 47.15 6.69
N LYS A 106 -16.40 46.20 5.77
CA LYS A 106 -17.30 46.07 4.61
C LYS A 106 -18.70 45.74 5.07
N CYS A 107 -18.82 44.98 6.15
CA CYS A 107 -20.13 44.60 6.69
C CYS A 107 -20.90 45.74 7.35
N ASN A 108 -20.26 46.91 7.50
CA ASN A 108 -20.90 48.08 8.09
C ASN A 108 -20.86 49.16 6.98
N PRO A 109 -21.52 48.90 5.85
CA PRO A 109 -21.56 49.82 4.69
C PRO A 109 -22.16 51.20 4.92
N THR A 110 -23.02 51.31 5.91
CA THR A 110 -23.65 52.59 6.18
C THR A 110 -23.98 52.62 7.66
N PRO A 111 -23.95 53.82 8.27
CA PRO A 111 -24.26 53.88 9.70
C PRO A 111 -25.54 53.18 10.11
N GLY A 112 -25.45 52.32 11.12
CA GLY A 112 -26.64 51.64 11.60
C GLY A 112 -27.01 50.33 10.93
N VAL A 113 -26.21 49.90 9.97
CA VAL A 113 -26.47 48.65 9.26
C VAL A 113 -25.26 47.73 9.41
N TYR A 114 -25.49 46.49 9.81
CA TYR A 114 -24.40 45.56 9.96
C TYR A 114 -24.74 44.17 9.45
N TYR A 115 -24.03 43.74 8.42
CA TYR A 115 -24.20 42.39 7.89
C TYR A 115 -23.41 41.47 8.83
N TYR A 116 -24.09 40.49 9.40
CA TYR A 116 -23.45 39.62 10.36
C TYR A 116 -23.22 38.20 9.91
N GLN A 117 -23.57 37.91 8.67
CA GLN A 117 -23.39 36.57 8.16
C GLN A 117 -23.49 36.53 6.67
N VAL A 118 -22.70 35.66 6.05
CA VAL A 118 -22.80 35.42 4.60
C VAL A 118 -22.76 33.91 4.50
N GLY A 119 -23.84 33.35 3.94
CA GLY A 119 -23.94 31.91 3.80
C GLY A 119 -25.09 31.38 4.65
N ASP A 120 -25.71 30.29 4.19
CA ASP A 120 -26.78 29.65 4.92
C ASP A 120 -26.23 28.33 5.44
N GLY A 121 -26.26 28.14 6.77
CA GLY A 121 -25.74 26.91 7.34
C GLY A 121 -26.28 25.65 6.69
N GLY A 122 -27.60 25.59 6.52
CA GLY A 122 -28.22 24.41 5.94
C GLY A 122 -27.69 24.09 4.55
N LYS A 123 -27.71 25.09 3.68
CA LYS A 123 -27.23 24.93 2.31
C LYS A 123 -25.72 24.70 2.24
N ASP A 124 -24.98 25.47 3.01
CA ASP A 124 -23.52 25.34 2.99
C ASP A 124 -23.05 23.97 3.45
N HIS A 125 -23.63 23.48 4.54
CA HIS A 125 -23.23 22.20 5.10
C HIS A 125 -23.69 20.98 4.35
N SER A 126 -24.66 21.16 3.46
CA SER A 126 -25.18 20.06 2.66
C SER A 126 -24.25 19.62 1.52
N TRP A 127 -23.18 20.37 1.30
CA TRP A 127 -22.25 20.04 0.21
C TRP A 127 -20.85 19.89 0.80
N TRP A 128 -20.14 18.86 0.36
CA TRP A 128 -18.80 18.61 0.85
C TRP A 128 -17.78 18.78 -0.27
N GLY A 129 -17.18 19.97 -0.33
CA GLY A 129 -16.24 20.23 -1.42
C GLY A 129 -15.44 21.47 -1.11
N PRO A 130 -14.47 21.83 -1.97
CA PRO A 130 -13.62 23.00 -1.77
C PRO A 130 -14.31 24.32 -1.97
N ALA A 131 -13.96 25.26 -1.12
CA ALA A 131 -14.53 26.61 -1.15
C ALA A 131 -14.54 27.25 -2.54
N GLU A 132 -13.44 27.06 -3.30
CA GLU A 132 -13.28 27.69 -4.61
C GLU A 132 -14.36 27.37 -5.63
N VAL A 133 -15.06 26.26 -5.45
CA VAL A 133 -16.07 25.92 -6.43
C VAL A 133 -17.50 25.82 -5.90
N MET A 134 -17.75 26.44 -4.74
CA MET A 134 -19.09 26.42 -4.18
C MET A 134 -20.11 26.89 -5.23
N GLN A 135 -21.19 26.14 -5.38
CA GLN A 135 -22.21 26.48 -6.38
C GLN A 135 -23.50 27.02 -5.79
N MET A 136 -23.70 26.84 -4.48
CA MET A 136 -24.94 27.26 -3.85
C MET A 136 -25.05 28.75 -3.55
N GLU A 137 -26.29 29.18 -3.31
CA GLU A 137 -26.56 30.57 -2.99
C GLU A 137 -25.92 30.81 -1.63
N ARG A 138 -25.40 32.02 -1.44
CA ARG A 138 -24.75 32.40 -0.19
C ARG A 138 -25.39 33.72 0.25
N PRO A 139 -26.57 33.64 0.86
CA PRO A 139 -27.26 34.85 1.29
C PRO A 139 -26.57 35.64 2.41
N SER A 140 -26.79 36.95 2.38
CA SER A 140 -26.24 37.89 3.35
C SER A 140 -27.35 38.21 4.34
N PHE A 141 -26.99 38.42 5.61
CA PHE A 141 -27.99 38.71 6.64
C PHE A 141 -27.53 39.91 7.42
N LYS A 142 -28.47 40.76 7.83
CA LYS A 142 -28.08 41.96 8.56
C LYS A 142 -28.95 42.29 9.74
N VAL A 143 -28.39 43.08 10.66
CA VAL A 143 -29.13 43.59 11.79
C VAL A 143 -29.11 45.12 11.62
N ASP A 144 -30.09 45.76 12.24
CA ASP A 144 -30.21 47.22 12.22
C ASP A 144 -31.02 47.62 13.45
N ALA A 145 -31.44 48.88 13.52
CA ALA A 145 -32.18 49.29 14.71
C ALA A 145 -33.47 48.49 14.95
N SER A 146 -34.15 48.11 13.87
CA SER A 146 -35.39 47.36 13.97
C SER A 146 -35.21 45.88 14.30
N LYS A 147 -34.12 45.26 13.88
CA LYS A 147 -33.77 43.85 14.16
C LYS A 147 -32.35 43.85 14.68
N PRO A 148 -32.18 43.98 16.01
CA PRO A 148 -30.89 44.11 16.66
C PRO A 148 -30.05 42.79 16.84
N GLY A 149 -28.77 42.98 16.97
CA GLY A 149 -27.82 41.91 17.21
C GLY A 149 -26.74 42.46 18.13
N SER A 150 -27.09 42.76 19.40
CA SER A 150 -26.12 43.38 20.29
C SER A 150 -24.81 42.61 20.46
N ALA A 151 -24.90 41.30 20.64
CA ALA A 151 -23.68 40.50 20.81
C ALA A 151 -22.78 40.54 19.58
N VAL A 152 -23.34 40.28 18.39
CA VAL A 152 -22.48 40.27 17.21
C VAL A 152 -21.96 41.67 16.86
N CYS A 153 -22.77 42.69 17.10
CA CYS A 153 -22.30 44.05 16.82
C CYS A 153 -21.20 44.44 17.80
N ALA A 154 -21.39 44.17 19.08
CA ALA A 154 -20.40 44.50 20.10
C ALA A 154 -19.15 43.62 19.93
N SER A 155 -19.34 42.34 19.60
CA SER A 155 -18.17 41.48 19.39
C SER A 155 -17.35 42.06 18.24
N THR A 156 -18.04 42.55 17.21
CA THR A 156 -17.33 43.12 16.07
C THR A 156 -16.68 44.45 16.47
N ALA A 157 -17.37 45.25 17.27
CA ALA A 157 -16.78 46.51 17.75
C ALA A 157 -15.50 46.18 18.53
N ALA A 158 -15.53 45.11 19.32
CA ALA A 158 -14.33 44.76 20.10
C ALA A 158 -13.19 44.37 19.17
N SER A 159 -13.50 43.62 18.11
CA SER A 159 -12.47 43.25 17.15
C SER A 159 -11.87 44.50 16.53
N LEU A 160 -12.73 45.39 16.04
CA LEU A 160 -12.27 46.60 15.38
C LEU A 160 -11.45 47.51 16.30
N ALA A 161 -11.92 47.67 17.53
CA ALA A 161 -11.23 48.53 18.51
C ALA A 161 -9.88 47.93 18.91
N SER A 162 -9.84 46.62 19.15
CA SER A 162 -8.58 45.96 19.50
C SER A 162 -7.63 46.02 18.30
N ALA A 163 -8.14 45.90 17.09
CA ALA A 163 -7.29 46.03 15.90
C ALA A 163 -6.73 47.45 15.91
N ALA A 164 -7.58 48.44 16.21
CA ALA A 164 -7.10 49.82 16.21
C ALA A 164 -5.95 49.99 17.20
N VAL A 165 -6.09 49.39 18.38
CA VAL A 165 -5.01 49.48 19.38
C VAL A 165 -3.66 48.95 18.86
N VAL A 166 -3.66 47.76 18.25
CA VAL A 166 -2.39 47.20 17.79
C VAL A 166 -1.88 47.72 16.45
N PHE A 167 -2.73 48.42 15.69
CA PHE A 167 -2.31 48.99 14.39
C PHE A 167 -1.99 50.49 14.50
N LYS A 168 -2.37 51.12 15.60
CA LYS A 168 -2.17 52.56 15.73
C LYS A 168 -0.75 53.05 15.45
N SER A 169 0.23 52.32 15.95
CA SER A 169 1.61 52.74 15.75
C SER A 169 2.13 52.66 14.32
N SER A 170 1.70 51.65 13.58
CA SER A 170 2.21 51.48 12.23
C SER A 170 1.29 51.98 11.15
N ASP A 171 0.00 52.03 11.45
CA ASP A 171 -0.97 52.46 10.45
C ASP A 171 -2.07 53.21 11.18
N PRO A 172 -1.77 54.42 11.65
CA PRO A 172 -2.75 55.23 12.39
C PRO A 172 -4.05 55.48 11.64
N THR A 173 -3.96 55.59 10.31
CA THR A 173 -5.14 55.83 9.51
C THR A 173 -6.09 54.63 9.59
N TYR A 174 -5.52 53.43 9.50
CA TYR A 174 -6.36 52.24 9.56
C TYR A 174 -6.93 52.12 10.96
N ALA A 175 -6.14 52.48 11.97
CA ALA A 175 -6.64 52.40 13.34
C ALA A 175 -7.85 53.30 13.45
N GLU A 176 -7.79 54.48 12.85
CA GLU A 176 -8.90 55.42 12.89
C GLU A 176 -10.12 54.85 12.16
N LYS A 177 -9.87 54.20 11.02
CA LYS A 177 -10.94 53.60 10.23
C LYS A 177 -11.66 52.54 11.11
N CYS A 178 -10.87 51.71 11.78
CA CYS A 178 -11.43 50.67 12.65
C CYS A 178 -12.25 51.29 13.76
N ILE A 179 -11.71 52.32 14.40
CA ILE A 179 -12.43 52.99 15.48
C ILE A 179 -13.76 53.55 15.00
N SER A 180 -13.78 54.15 13.80
CA SER A 180 -14.99 54.74 13.28
C SER A 180 -16.11 53.71 13.22
N HIS A 181 -15.79 52.56 12.62
CA HIS A 181 -16.78 51.49 12.50
C HIS A 181 -17.09 50.82 13.84
N ALA A 182 -16.08 50.68 14.69
CA ALA A 182 -16.31 50.10 16.01
C ALA A 182 -17.31 50.94 16.77
N LYS A 183 -17.14 52.25 16.71
CA LYS A 183 -18.06 53.15 17.41
C LYS A 183 -19.48 52.99 16.91
N ASN A 184 -19.64 52.83 15.60
CA ASN A 184 -20.98 52.69 15.07
C ASN A 184 -21.65 51.39 15.51
N LEU A 185 -20.91 50.30 15.43
CA LEU A 185 -21.45 48.99 15.80
C LEU A 185 -21.71 48.94 17.30
N PHE A 186 -20.82 49.52 18.10
CA PHE A 186 -21.08 49.52 19.54
C PHE A 186 -22.35 50.34 19.84
N ASP A 187 -22.51 51.47 19.16
CA ASP A 187 -23.70 52.28 19.38
C ASP A 187 -24.93 51.45 19.06
N MET A 188 -24.88 50.71 17.96
CA MET A 188 -26.02 49.85 17.60
C MET A 188 -26.31 48.89 18.74
N ALA A 189 -25.26 48.20 19.20
CA ALA A 189 -25.41 47.21 20.24
C ALA A 189 -25.94 47.72 21.56
N ASP A 190 -25.37 48.84 21.98
CA ASP A 190 -25.71 49.47 23.25
C ASP A 190 -27.12 50.05 23.26
N LYS A 191 -27.55 50.63 22.16
CA LYS A 191 -28.90 51.18 22.14
C LYS A 191 -29.93 50.08 22.10
N ALA A 192 -29.62 49.01 21.39
CA ALA A 192 -30.56 47.90 21.27
C ALA A 192 -30.70 46.95 22.45
N LYS A 193 -29.58 46.57 23.06
CA LYS A 193 -29.54 45.62 24.17
C LYS A 193 -30.48 44.46 23.89
N SER A 194 -30.24 43.83 22.74
CA SER A 194 -31.06 42.70 22.32
C SER A 194 -30.39 41.95 21.18
N ASP A 195 -30.59 40.63 21.19
CA ASP A 195 -30.07 39.78 20.12
C ASP A 195 -31.26 39.30 19.29
N ALA A 196 -32.43 39.91 19.51
CA ALA A 196 -33.62 39.44 18.79
C ALA A 196 -33.57 39.38 17.27
N GLY A 197 -32.76 40.22 16.64
CA GLY A 197 -32.68 40.18 15.19
C GLY A 197 -31.54 39.32 14.66
N TYR A 198 -30.78 38.76 15.58
CA TYR A 198 -29.63 37.93 15.24
C TYR A 198 -30.16 36.51 15.22
N THR A 199 -30.62 36.09 14.04
CA THR A 199 -31.24 34.79 13.87
C THR A 199 -30.67 33.85 12.82
N ALA A 200 -29.94 34.37 11.83
CA ALA A 200 -29.43 33.50 10.75
C ALA A 200 -28.41 32.46 11.20
N ALA A 201 -27.85 32.63 12.40
CA ALA A 201 -26.89 31.67 12.90
C ALA A 201 -27.53 30.69 13.87
N SER A 202 -28.86 30.67 13.91
CA SER A 202 -29.56 29.76 14.80
C SER A 202 -29.12 28.32 14.56
N GLY A 203 -28.77 27.65 15.64
CA GLY A 203 -28.33 26.28 15.55
C GLY A 203 -26.82 26.17 15.42
N TYR A 204 -26.16 27.28 15.11
CA TYR A 204 -24.72 27.30 14.95
C TYR A 204 -24.06 28.19 15.96
N TYR A 205 -24.42 29.48 15.94
CA TYR A 205 -23.85 30.43 16.90
C TYR A 205 -24.90 31.32 17.54
N SER A 206 -26.03 30.74 17.97
CA SER A 206 -27.04 31.53 18.65
C SER A 206 -26.36 32.10 19.87
N SER A 207 -26.71 33.34 20.21
CA SER A 207 -26.14 34.04 21.34
C SER A 207 -26.93 33.84 22.62
N SER A 208 -26.23 33.57 23.74
CA SER A 208 -26.94 33.40 25.01
C SER A 208 -26.66 34.58 25.95
N SER A 209 -25.95 35.57 25.45
CA SER A 209 -25.64 36.75 26.28
C SER A 209 -25.06 37.89 25.47
N PHE A 210 -25.37 39.11 25.85
CA PHE A 210 -24.77 40.23 25.14
C PHE A 210 -24.19 41.29 26.07
N TYR A 211 -24.52 41.26 27.36
CA TYR A 211 -23.95 42.27 28.28
C TYR A 211 -22.45 42.07 28.41
N ASP A 212 -22.00 40.82 28.24
CA ASP A 212 -20.59 40.52 28.29
C ASP A 212 -19.94 41.17 27.06
N ASP A 213 -20.56 40.99 25.91
CA ASP A 213 -20.02 41.60 24.69
C ASP A 213 -19.98 43.13 24.80
N LEU A 214 -21.01 43.71 25.41
CA LEU A 214 -21.03 45.16 25.57
C LEU A 214 -19.82 45.63 26.40
N SER A 215 -19.55 44.94 27.51
CA SER A 215 -18.41 45.30 28.39
C SER A 215 -17.09 45.10 27.65
N TRP A 216 -16.96 43.94 27.01
CA TRP A 216 -15.75 43.58 26.25
C TRP A 216 -15.49 44.66 25.17
N ALA A 217 -16.53 44.98 24.41
CA ALA A 217 -16.41 46.02 23.37
C ALA A 217 -16.05 47.38 24.00
N ALA A 218 -16.73 47.74 25.09
CA ALA A 218 -16.49 49.03 25.75
C ALA A 218 -15.05 49.13 26.24
N VAL A 219 -14.54 48.04 26.80
CA VAL A 219 -13.16 48.03 27.27
C VAL A 219 -12.22 48.29 26.09
N TRP A 220 -12.44 47.60 24.98
CA TRP A 220 -11.55 47.82 23.85
C TRP A 220 -11.71 49.19 23.22
N LEU A 221 -12.92 49.72 23.23
CA LEU A 221 -13.12 51.07 22.69
C LEU A 221 -12.43 52.07 23.60
N TYR A 222 -12.41 51.79 24.90
CA TYR A 222 -11.71 52.69 25.82
C TYR A 222 -10.21 52.65 25.51
N LEU A 223 -9.65 51.46 25.31
CA LEU A 223 -8.21 51.36 25.01
C LEU A 223 -7.87 52.00 23.67
N ALA A 224 -8.81 51.94 22.73
CA ALA A 224 -8.57 52.51 21.40
C ALA A 224 -8.71 54.04 21.33
N THR A 225 -9.69 54.56 22.07
CA THR A 225 -10.02 55.99 22.03
C THR A 225 -9.60 56.81 23.24
N ASN A 226 -9.34 56.13 24.35
CA ASN A 226 -9.00 56.78 25.62
C ASN A 226 -10.12 57.66 26.14
N ASP A 227 -11.33 57.42 25.66
CA ASP A 227 -12.53 58.16 26.07
C ASP A 227 -13.13 57.35 27.22
N SER A 228 -13.00 57.86 28.45
CA SER A 228 -13.47 57.14 29.63
C SER A 228 -14.98 56.90 29.61
N THR A 229 -15.68 57.53 28.68
CA THR A 229 -17.12 57.30 28.51
C THR A 229 -17.29 55.78 28.35
N TYR A 230 -16.38 55.16 27.60
CA TYR A 230 -16.47 53.72 27.38
C TYR A 230 -16.12 52.88 28.58
N LEU A 231 -15.19 53.36 29.41
CA LEU A 231 -14.81 52.60 30.58
C LEU A 231 -16.01 52.57 31.53
N ASP A 232 -16.72 53.69 31.65
CA ASP A 232 -17.88 53.72 32.53
C ASP A 232 -18.94 52.76 32.00
N LYS A 233 -19.13 52.74 30.69
CA LYS A 233 -20.12 51.82 30.13
C LYS A 233 -19.72 50.39 30.43
N ALA A 234 -18.44 50.07 30.21
CA ALA A 234 -17.95 48.71 30.47
C ALA A 234 -18.31 48.22 31.88
N GLU A 235 -18.07 49.06 32.88
CA GLU A 235 -18.38 48.68 34.25
C GLU A 235 -19.88 48.65 34.52
N SER A 236 -20.65 49.49 33.85
CA SER A 236 -22.09 49.55 34.08
C SER A 236 -22.84 48.28 33.75
N TYR A 237 -22.30 47.48 32.83
CA TYR A 237 -22.99 46.23 32.44
C TYR A 237 -22.69 45.05 33.36
N VAL A 238 -21.68 45.19 34.24
CA VAL A 238 -21.29 44.08 35.12
C VAL A 238 -22.42 43.46 35.92
N PRO A 239 -23.32 44.27 36.50
CA PRO A 239 -24.41 43.65 37.27
C PRO A 239 -25.33 42.82 36.38
N ASN A 240 -25.28 43.07 35.07
CA ASN A 240 -26.11 42.36 34.11
C ASN A 240 -25.46 41.09 33.57
N TRP A 241 -24.18 40.88 33.92
CA TRP A 241 -23.49 39.66 33.49
C TRP A 241 -24.14 38.46 34.18
N GLY A 242 -24.02 37.30 33.57
CA GLY A 242 -24.57 36.08 34.16
C GLY A 242 -23.91 35.79 35.51
N LYS A 243 -24.69 35.26 36.43
CA LYS A 243 -24.19 34.94 37.78
C LYS A 243 -24.20 33.44 37.98
N GLU A 244 -23.48 32.97 39.00
CA GLU A 244 -23.50 31.56 39.31
C GLU A 244 -24.89 31.34 39.90
N GLN A 245 -25.54 30.27 39.50
CA GLN A 245 -26.89 29.97 39.97
C GLN A 245 -27.08 30.09 41.47
N GLN A 246 -28.13 30.82 41.87
CA GLN A 246 -28.48 30.99 43.27
C GLN A 246 -27.46 31.76 44.11
N THR A 247 -26.65 32.59 43.44
CA THR A 247 -25.67 33.42 44.12
C THR A 247 -25.75 34.77 43.40
N ASP A 248 -25.08 35.76 43.96
CA ASP A 248 -25.02 37.09 43.37
C ASP A 248 -23.58 37.17 42.85
N ILE A 249 -22.95 36.00 42.68
CA ILE A 249 -21.55 35.92 42.24
C ILE A 249 -21.42 35.87 40.73
N ILE A 250 -20.59 36.74 40.17
CA ILE A 250 -20.36 36.74 38.73
C ILE A 250 -19.93 35.34 38.32
N ALA A 251 -20.51 34.84 37.24
CA ALA A 251 -20.18 33.51 36.76
C ALA A 251 -18.68 33.29 36.67
N TYR A 252 -18.23 32.11 37.06
CA TYR A 252 -16.83 31.80 37.02
C TYR A 252 -16.53 30.35 36.64
N LYS A 253 -17.57 29.55 36.42
CA LYS A 253 -17.37 28.14 36.11
C LYS A 253 -17.32 27.76 34.63
N TRP A 254 -17.17 28.75 33.76
CA TRP A 254 -17.06 28.48 32.34
C TRP A 254 -15.72 29.08 31.92
N GLY A 255 -15.63 29.55 30.68
CA GLY A 255 -14.38 30.13 30.26
C GLY A 255 -14.61 31.09 29.11
N GLN A 256 -13.59 31.88 28.83
CA GLN A 256 -13.64 32.84 27.74
C GLN A 256 -13.91 32.07 26.45
N CYS A 257 -14.89 32.53 25.66
CA CYS A 257 -15.20 31.87 24.39
C CYS A 257 -16.08 32.81 23.58
N TRP A 258 -16.38 32.43 22.34
CA TRP A 258 -17.17 33.30 21.48
C TRP A 258 -18.51 33.75 22.04
N ASP A 259 -19.12 32.95 22.90
CA ASP A 259 -20.45 33.25 23.43
C ASP A 259 -20.38 33.94 24.78
N ASP A 260 -19.22 33.88 25.42
CA ASP A 260 -19.07 34.46 26.74
C ASP A 260 -17.70 35.12 26.87
N VAL A 261 -17.68 36.44 26.80
CA VAL A 261 -16.43 37.15 26.88
C VAL A 261 -16.30 37.98 28.16
N HIS A 262 -17.12 37.69 29.17
CA HIS A 262 -16.98 38.48 30.41
C HIS A 262 -15.69 38.16 31.14
N TYR A 263 -15.11 37.00 30.83
CA TYR A 263 -13.86 36.59 31.46
C TYR A 263 -12.76 37.53 31.00
N GLY A 264 -12.66 37.73 29.69
CA GLY A 264 -11.64 38.63 29.18
C GLY A 264 -11.95 40.06 29.58
N ALA A 265 -13.23 40.43 29.61
CA ALA A 265 -13.58 41.79 29.99
C ALA A 265 -13.20 42.08 31.43
N GLU A 266 -13.46 41.13 32.34
CA GLU A 266 -13.17 41.38 33.76
C GLU A 266 -11.67 41.36 34.03
N LEU A 267 -10.94 40.54 33.28
CA LEU A 267 -9.48 40.48 33.41
C LEU A 267 -8.93 41.87 33.04
N LEU A 268 -9.38 42.38 31.89
N LEU A 268 -9.38 42.39 31.89
CA LEU A 268 -8.96 43.69 31.42
CA LEU A 268 -8.93 43.70 31.45
C LEU A 268 -9.38 44.79 32.40
C LEU A 268 -9.38 44.80 32.41
N LEU A 269 -10.59 44.69 32.92
CA LEU A 269 -11.09 45.71 33.86
C LEU A 269 -10.28 45.66 35.15
N ALA A 270 -9.84 44.47 35.56
CA ALA A 270 -9.01 44.41 36.77
C ALA A 270 -7.71 45.16 36.49
N LYS A 271 -7.09 44.94 35.34
CA LYS A 271 -5.83 45.61 35.05
C LYS A 271 -6.00 47.12 34.90
N LEU A 272 -7.10 47.51 34.28
CA LEU A 272 -7.35 48.93 34.06
C LEU A 272 -7.78 49.71 35.27
N THR A 273 -8.50 49.08 36.20
CA THR A 273 -9.02 49.80 37.37
C THR A 273 -8.50 49.37 38.72
N ASN A 274 -7.89 48.19 38.76
CA ASN A 274 -7.38 47.59 39.99
C ASN A 274 -8.48 47.40 41.03
N LYS A 275 -9.74 47.38 40.59
CA LYS A 275 -10.83 47.17 41.54
C LYS A 275 -10.89 45.72 41.96
N GLN A 276 -11.11 45.52 43.26
CA GLN A 276 -11.16 44.19 43.83
C GLN A 276 -12.23 43.33 43.20
N LEU A 277 -13.36 43.92 42.86
CA LEU A 277 -14.45 43.13 42.25
C LEU A 277 -13.94 42.32 41.06
N TYR A 278 -13.21 42.97 40.17
CA TYR A 278 -12.70 42.30 38.97
C TYR A 278 -11.59 41.34 39.26
N LYS A 279 -10.71 41.69 40.19
CA LYS A 279 -9.60 40.81 40.52
C LYS A 279 -10.17 39.53 41.12
N ASP A 280 -11.12 39.69 42.02
CA ASP A 280 -11.74 38.52 42.68
C ASP A 280 -12.44 37.66 41.65
N SER A 281 -13.13 38.30 40.69
CA SER A 281 -13.87 37.56 39.69
C SER A 281 -12.99 36.76 38.76
N ILE A 282 -11.92 37.36 38.24
CA ILE A 282 -11.08 36.61 37.34
C ILE A 282 -10.30 35.56 38.11
N GLU A 283 -9.90 35.85 39.35
CA GLU A 283 -9.18 34.82 40.10
C GLU A 283 -10.11 33.66 40.48
N MET A 284 -11.39 33.94 40.65
CA MET A 284 -12.32 32.85 40.97
C MET A 284 -12.36 31.91 39.77
N ASN A 285 -12.44 32.48 38.57
CA ASN A 285 -12.46 31.66 37.36
C ASN A 285 -11.14 30.90 37.21
N LEU A 286 -10.01 31.60 37.28
CA LEU A 286 -8.74 30.94 37.10
C LEU A 286 -8.50 29.89 38.20
N ASP A 287 -8.95 30.18 39.42
CA ASP A 287 -8.80 29.22 40.52
C ASP A 287 -9.65 27.98 40.26
N PHE A 288 -10.88 28.19 39.81
CA PHE A 288 -11.76 27.06 39.49
C PHE A 288 -11.07 26.15 38.48
N TRP A 289 -10.32 26.74 37.55
CA TRP A 289 -9.62 26.01 36.52
C TRP A 289 -8.31 25.37 36.92
N THR A 290 -7.78 25.74 38.10
CA THR A 290 -6.50 25.23 38.54
C THR A 290 -6.57 24.49 39.88
N THR A 291 -6.49 25.22 40.98
CA THR A 291 -6.52 24.66 42.32
C THR A 291 -7.93 24.25 42.75
N GLY A 292 -8.92 24.89 42.14
CA GLY A 292 -10.30 24.68 42.51
C GLY A 292 -10.61 25.87 43.43
N VAL A 293 -11.89 26.13 43.67
CA VAL A 293 -12.27 27.23 44.54
C VAL A 293 -13.57 26.83 45.22
N ASN A 294 -13.67 27.14 46.51
CA ASN A 294 -14.84 26.82 47.31
C ASN A 294 -15.32 25.40 47.11
N GLY A 295 -14.37 24.47 47.02
CA GLY A 295 -14.69 23.08 46.84
C GLY A 295 -15.17 22.67 45.46
N THR A 296 -15.09 23.58 44.49
CA THR A 296 -15.51 23.29 43.11
C THR A 296 -14.25 23.38 42.24
N ARG A 297 -14.21 22.62 41.16
CA ARG A 297 -13.05 22.63 40.28
C ARG A 297 -13.43 22.07 38.91
N VAL A 298 -12.85 22.59 37.85
CA VAL A 298 -13.14 22.06 36.52
C VAL A 298 -12.62 20.60 36.48
N SER A 299 -13.25 19.74 35.69
CA SER A 299 -12.77 18.37 35.60
C SER A 299 -11.41 18.36 34.94
N TYR A 300 -10.57 17.39 35.30
CA TYR A 300 -9.27 17.20 34.68
C TYR A 300 -9.25 15.78 34.19
N THR A 301 -8.68 15.56 33.01
CA THR A 301 -8.56 14.22 32.48
C THR A 301 -7.38 13.59 33.20
N PRO A 302 -7.27 12.27 33.13
CA PRO A 302 -6.15 11.59 33.79
C PRO A 302 -4.79 12.10 33.34
N LYS A 303 -4.67 12.47 32.07
CA LYS A 303 -3.41 12.98 31.55
C LYS A 303 -3.22 14.49 31.69
N GLY A 304 -4.12 15.16 32.44
CA GLY A 304 -3.83 16.54 32.84
C GLY A 304 -4.55 17.61 32.00
N LEU A 305 -5.54 17.28 31.19
CA LEU A 305 -6.26 18.31 30.43
C LEU A 305 -7.40 18.88 31.27
N ALA A 306 -7.39 20.20 31.50
CA ALA A 306 -8.53 20.80 32.17
C ALA A 306 -9.70 20.73 31.20
N TRP A 307 -10.69 19.93 31.53
CA TRP A 307 -11.78 19.59 30.61
C TRP A 307 -13.11 20.20 30.95
N LEU A 308 -13.52 21.19 30.18
CA LEU A 308 -14.75 21.89 30.49
C LEU A 308 -16.04 21.27 29.99
N PHE A 309 -16.01 20.84 28.73
CA PHE A 309 -17.21 20.43 28.04
C PHE A 309 -16.76 19.46 26.94
N GLN A 310 -17.66 18.65 26.40
CA GLN A 310 -17.26 17.70 25.37
C GLN A 310 -16.89 18.35 24.03
N TRP A 311 -17.44 19.54 23.76
CA TRP A 311 -17.17 20.24 22.50
C TRP A 311 -16.00 21.21 22.65
N GLY A 312 -14.99 21.06 21.79
CA GLY A 312 -13.83 21.94 21.83
C GLY A 312 -13.16 22.02 23.19
N SER A 313 -12.84 20.87 23.78
CA SER A 313 -12.18 20.87 25.08
C SER A 313 -10.83 21.57 25.00
N LEU A 314 -10.08 21.35 23.92
CA LEU A 314 -8.76 21.99 23.78
C LEU A 314 -8.95 23.50 23.58
N ARG A 315 -9.97 23.88 22.84
CA ARG A 315 -10.29 25.29 22.62
C ARG A 315 -10.43 25.97 23.99
N HIS A 316 -11.22 25.37 24.86
CA HIS A 316 -11.42 25.95 26.18
C HIS A 316 -10.19 25.97 27.07
N ALA A 317 -9.47 24.85 27.13
CA ALA A 317 -8.30 24.77 27.98
C ALA A 317 -7.20 25.72 27.53
N THR A 318 -6.95 25.79 26.22
CA THR A 318 -5.91 26.68 25.72
C THR A 318 -6.32 28.16 25.79
N THR A 319 -7.62 28.44 25.77
CA THR A 319 -8.04 29.83 25.88
C THR A 319 -7.85 30.28 27.33
N GLN A 320 -8.24 29.40 28.26
CA GLN A 320 -8.04 29.71 29.68
C GLN A 320 -6.54 29.82 29.96
N ALA A 321 -5.73 29.01 29.29
CA ALA A 321 -4.26 29.08 29.47
C ALA A 321 -3.79 30.50 29.14
N PHE A 322 -4.32 31.03 28.04
CA PHE A 322 -3.96 32.40 27.63
C PHE A 322 -4.32 33.41 28.71
N LEU A 323 -5.56 33.34 29.19
CA LEU A 323 -5.97 34.30 30.22
C LEU A 323 -5.11 34.14 31.48
N ALA A 324 -4.81 32.90 31.83
CA ALA A 324 -4.00 32.66 33.03
C ALA A 324 -2.62 33.28 32.83
N GLY A 325 -2.08 33.19 31.61
CA GLY A 325 -0.77 33.76 31.31
C GLY A 325 -0.79 35.27 31.41
N VAL A 326 -1.79 35.89 30.80
CA VAL A 326 -1.89 37.34 30.87
C VAL A 326 -2.04 37.82 32.31
N TYR A 327 -2.98 37.21 33.03
CA TYR A 327 -3.21 37.64 34.42
C TYR A 327 -2.01 37.40 35.34
N ALA A 328 -1.35 36.25 35.18
CA ALA A 328 -0.19 35.90 36.00
C ALA A 328 0.92 36.95 35.86
N GLU A 329 1.02 37.57 34.67
CA GLU A 329 2.05 38.58 34.43
C GLU A 329 1.75 39.94 35.01
N TRP A 330 0.49 40.17 35.37
CA TRP A 330 0.08 41.44 35.93
C TRP A 330 0.46 41.59 37.41
N GLU A 331 0.99 42.76 37.77
CA GLU A 331 1.43 43.04 39.13
C GLU A 331 0.32 42.84 40.18
N GLY A 332 -0.93 43.00 39.77
CA GLY A 332 -2.04 42.84 40.71
C GLY A 332 -2.43 41.40 41.04
N CYS A 333 -1.86 40.41 40.34
CA CYS A 333 -2.20 39.02 40.60
C CYS A 333 -1.72 38.63 41.98
N THR A 334 -2.55 37.90 42.73
CA THR A 334 -2.14 37.42 44.06
C THR A 334 -0.78 36.74 43.84
N PRO A 335 0.28 37.20 44.54
CA PRO A 335 1.59 36.57 44.31
C PRO A 335 1.66 35.05 44.36
N SER A 336 0.98 34.44 45.30
CA SER A 336 1.06 32.98 45.44
C SER A 336 0.45 32.22 44.28
N LYS A 337 -0.37 32.90 43.48
CA LYS A 337 -1.03 32.24 42.37
C LYS A 337 -0.29 32.40 41.05
N VAL A 338 0.68 33.30 41.03
CA VAL A 338 1.42 33.52 39.80
C VAL A 338 1.97 32.21 39.22
N SER A 339 2.66 31.43 40.05
CA SER A 339 3.27 30.19 39.59
C SER A 339 2.22 29.14 39.23
N VAL A 340 1.11 29.16 39.95
CA VAL A 340 0.02 28.21 39.72
C VAL A 340 -0.54 28.46 38.32
N TYR A 341 -0.82 29.72 38.04
CA TYR A 341 -1.38 30.10 36.75
C TYR A 341 -0.40 29.88 35.60
N LYS A 342 0.88 30.20 35.82
CA LYS A 342 1.88 29.98 34.77
C LYS A 342 2.09 28.49 34.52
N ASP A 343 2.01 27.68 35.58
CA ASP A 343 2.16 26.23 35.43
C ASP A 343 0.98 25.68 34.64
N PHE A 344 -0.19 26.28 34.85
CA PHE A 344 -1.41 25.87 34.15
C PHE A 344 -1.28 26.23 32.67
N LEU A 345 -0.77 27.42 32.37
CA LEU A 345 -0.58 27.81 30.96
C LEU A 345 0.30 26.77 30.28
N LYS A 346 1.44 26.45 30.90
CA LYS A 346 2.32 25.47 30.27
C LYS A 346 1.72 24.07 30.13
N SER A 347 1.09 23.57 31.19
CA SER A 347 0.52 22.23 31.15
C SER A 347 -0.56 22.08 30.09
N GLN A 348 -1.42 23.09 29.96
CA GLN A 348 -2.48 22.97 28.97
C GLN A 348 -1.93 23.10 27.54
N ILE A 349 -1.00 24.04 27.34
CA ILE A 349 -0.43 24.18 26.01
C ILE A 349 0.35 22.92 25.66
N ASP A 350 1.13 22.40 26.59
CA ASP A 350 1.91 21.19 26.31
C ASP A 350 1.02 20.00 26.01
N TYR A 351 -0.17 19.96 26.62
CA TYR A 351 -1.07 18.86 26.32
C TYR A 351 -1.48 18.96 24.85
N ALA A 352 -1.78 20.19 24.41
CA ALA A 352 -2.18 20.39 23.02
C ALA A 352 -1.05 20.06 22.05
N LEU A 353 0.19 20.38 22.45
CA LEU A 353 1.34 20.17 21.58
C LEU A 353 1.95 18.77 21.56
N GLY A 354 1.79 18.03 22.64
CA GLY A 354 2.36 16.70 22.62
C GLY A 354 2.64 15.99 23.93
N SER A 355 2.20 16.53 25.07
CA SER A 355 2.50 15.86 26.34
C SER A 355 1.90 14.46 26.51
N THR A 356 0.89 14.11 25.72
CA THR A 356 0.32 12.76 25.82
C THR A 356 1.01 11.81 24.84
N GLY A 357 1.97 12.32 24.09
CA GLY A 357 2.68 11.49 23.14
C GLY A 357 2.35 11.81 21.68
N ARG A 358 1.35 12.66 21.48
CA ARG A 358 0.99 13.06 20.13
C ARG A 358 0.46 14.49 20.16
N SER A 359 0.61 15.16 19.03
CA SER A 359 0.16 16.54 18.83
C SER A 359 -1.29 16.58 18.45
N PHE A 360 -1.99 17.64 18.89
CA PHE A 360 -3.38 17.82 18.52
C PHE A 360 -3.44 19.02 17.56
N VAL A 361 -2.28 19.39 17.04
CA VAL A 361 -2.15 20.50 16.10
C VAL A 361 -1.83 19.96 14.72
N VAL A 362 -2.72 20.20 13.75
CA VAL A 362 -2.50 19.71 12.39
C VAL A 362 -1.14 20.16 11.84
N GLY A 363 -0.41 19.23 11.23
CA GLY A 363 0.88 19.58 10.65
C GLY A 363 1.97 20.04 11.60
N TYR A 364 1.86 19.66 12.87
CA TYR A 364 2.84 20.05 13.85
C TYR A 364 3.14 18.91 14.81
N GLY A 365 4.41 18.75 15.14
CA GLY A 365 4.80 17.75 16.12
C GLY A 365 4.65 16.29 15.80
N VAL A 366 4.52 15.49 16.85
CA VAL A 366 4.41 14.05 16.71
C VAL A 366 3.02 13.50 16.47
N ASN A 367 2.89 12.74 15.40
CA ASN A 367 1.62 12.11 15.07
C ASN A 367 0.43 13.07 15.13
N PRO A 368 0.52 14.19 14.39
CA PRO A 368 -0.57 15.17 14.38
C PRO A 368 -1.84 14.60 13.71
N PRO A 369 -3.00 15.23 14.00
CA PRO A 369 -4.27 14.78 13.42
C PRO A 369 -4.17 14.81 11.89
N GLN A 370 -4.68 13.76 11.25
CA GLN A 370 -4.61 13.65 9.81
C GLN A 370 -5.95 13.83 9.16
N HIS A 371 -7.01 13.77 9.95
CA HIS A 371 -8.33 13.88 9.36
C HIS A 371 -9.26 14.94 9.94
N PRO A 372 -8.77 16.19 10.11
CA PRO A 372 -9.69 17.19 10.66
C PRO A 372 -10.96 17.36 9.81
N HIS A 373 -12.07 17.70 10.46
CA HIS A 373 -13.32 17.88 9.73
C HIS A 373 -13.23 19.22 9.01
N HIS A 374 -12.82 19.17 7.74
CA HIS A 374 -12.59 20.41 6.99
C HIS A 374 -12.70 20.12 5.50
N ARG A 375 -13.68 20.74 4.86
CA ARG A 375 -13.94 20.53 3.44
C ARG A 375 -12.80 20.87 2.50
N THR A 376 -12.25 22.06 2.62
CA THR A 376 -11.22 22.44 1.66
C THR A 376 -9.89 21.72 1.86
N ALA A 377 -9.51 21.44 3.09
CA ALA A 377 -8.24 20.74 3.33
C ALA A 377 -8.36 19.29 2.88
N HIS A 378 -9.54 18.71 3.06
CA HIS A 378 -9.76 17.34 2.63
C HIS A 378 -9.68 17.34 1.10
N GLY A 379 -10.45 18.21 0.47
CA GLY A 379 -10.40 18.32 -0.97
C GLY A 379 -11.08 17.21 -1.77
N SER A 380 -12.27 16.84 -1.35
CA SER A 380 -13.04 15.84 -2.11
C SER A 380 -13.44 16.49 -3.44
N TRP A 381 -13.47 15.72 -4.52
CA TRP A 381 -13.93 16.28 -5.79
C TRP A 381 -15.24 15.60 -6.18
N THR A 382 -15.78 14.79 -5.27
CA THR A 382 -17.01 14.04 -5.54
C THR A 382 -18.13 14.24 -4.51
N ASP A 383 -18.03 15.32 -3.72
CA ASP A 383 -19.03 15.60 -2.70
C ASP A 383 -19.16 14.38 -1.76
N GLN A 384 -18.02 13.90 -1.29
CA GLN A 384 -17.98 12.77 -0.38
C GLN A 384 -16.97 12.97 0.71
N MET A 385 -17.41 12.93 1.94
CA MET A 385 -16.51 13.08 3.08
C MET A 385 -15.53 11.92 3.15
N THR A 386 -15.91 10.81 2.52
CA THR A 386 -15.11 9.58 2.55
C THR A 386 -14.14 9.38 1.40
N SER A 387 -14.15 10.30 0.44
CA SER A 387 -13.27 10.16 -0.72
C SER A 387 -12.69 11.52 -1.17
N PRO A 388 -11.35 11.61 -1.29
CA PRO A 388 -10.36 10.57 -1.04
C PRO A 388 -10.35 10.14 0.43
N THR A 389 -9.66 9.04 0.70
CA THR A 389 -9.57 8.51 2.06
C THR A 389 -8.49 9.19 2.90
N TYR A 390 -7.95 10.29 2.39
CA TYR A 390 -6.93 11.04 3.11
C TYR A 390 -7.13 12.51 2.74
N HIS A 391 -6.58 13.42 3.53
CA HIS A 391 -6.70 14.85 3.20
C HIS A 391 -5.69 15.25 2.15
N ARG A 392 -6.15 15.89 1.08
CA ARG A 392 -5.20 16.31 0.07
C ARG A 392 -4.28 17.45 0.52
N HIS A 393 -4.70 18.21 1.53
CA HIS A 393 -3.88 19.32 2.02
C HIS A 393 -3.67 19.29 3.51
N THR A 394 -2.58 19.91 3.96
CA THR A 394 -2.24 19.98 5.36
C THR A 394 -2.59 21.38 5.83
N ILE A 395 -3.62 21.49 6.65
CA ILE A 395 -4.07 22.77 7.15
C ILE A 395 -3.29 23.07 8.44
N TYR A 396 -2.03 23.46 8.25
CA TYR A 396 -1.11 23.73 9.34
C TYR A 396 -1.64 24.59 10.45
N GLY A 397 -1.33 24.21 11.69
CA GLY A 397 -1.70 25.00 12.84
C GLY A 397 -3.06 24.79 13.48
N ALA A 398 -3.97 24.16 12.75
CA ALA A 398 -5.32 23.93 13.27
C ALA A 398 -5.34 23.04 14.53
N LEU A 399 -5.94 23.56 15.59
CA LEU A 399 -6.09 22.84 16.85
C LEU A 399 -7.43 22.09 16.79
N VAL A 400 -7.39 20.76 16.88
CA VAL A 400 -8.66 20.02 16.83
C VAL A 400 -9.47 20.16 18.12
N GLY A 401 -10.75 19.80 18.03
CA GLY A 401 -11.64 19.90 19.17
C GLY A 401 -11.03 19.35 20.45
N GLY A 402 -10.56 18.11 20.42
CA GLY A 402 -9.96 17.57 21.62
C GLY A 402 -10.58 16.25 22.07
N PRO A 403 -10.00 15.64 23.10
CA PRO A 403 -10.46 14.36 23.65
C PRO A 403 -11.65 14.45 24.57
N ASP A 404 -12.17 13.29 24.96
CA ASP A 404 -13.28 13.24 25.89
C ASP A 404 -12.64 13.37 27.28
N ASN A 405 -13.45 13.29 28.34
CA ASN A 405 -12.91 13.48 29.69
C ASN A 405 -11.96 12.40 30.19
N ALA A 406 -11.74 11.35 29.39
CA ALA A 406 -10.83 10.28 29.77
C ALA A 406 -9.65 10.24 28.79
N ASP A 407 -9.44 11.35 28.09
CA ASP A 407 -8.35 11.47 27.11
C ASP A 407 -8.58 10.68 25.83
N GLY A 408 -9.79 10.14 25.67
CA GLY A 408 -10.10 9.39 24.46
C GLY A 408 -10.18 10.36 23.28
N TYR A 409 -9.63 9.94 22.14
CA TYR A 409 -9.63 10.78 20.94
C TYR A 409 -9.57 9.91 19.69
N THR A 410 -10.43 10.21 18.73
CA THR A 410 -10.47 9.45 17.48
C THR A 410 -10.31 10.42 16.31
N ASP A 411 -9.20 10.28 15.58
CA ASP A 411 -8.90 11.15 14.44
C ASP A 411 -9.62 10.67 13.17
N GLU A 412 -10.88 11.05 13.03
CA GLU A 412 -11.66 10.69 11.84
C GLU A 412 -12.34 11.95 11.34
N ILE A 413 -12.51 12.01 10.03
CA ILE A 413 -13.11 13.19 9.41
C ILE A 413 -14.55 13.48 9.84
N ASN A 414 -15.28 12.45 10.22
CA ASN A 414 -16.68 12.64 10.62
C ASN A 414 -16.85 12.72 12.14
N ASN A 415 -15.76 12.88 12.87
CA ASN A 415 -15.83 12.97 14.32
C ASN A 415 -15.73 14.45 14.70
N TYR A 416 -16.87 15.11 14.85
CA TYR A 416 -16.89 16.52 15.19
C TYR A 416 -16.37 16.78 16.59
N VAL A 417 -16.91 16.10 17.58
CA VAL A 417 -16.44 16.35 18.94
C VAL A 417 -14.92 16.33 19.06
N ASN A 418 -14.28 15.25 18.62
CA ASN A 418 -12.84 15.22 18.74
C ASN A 418 -12.13 16.01 17.64
N ASN A 419 -12.71 16.00 16.40
CA ASN A 419 -11.87 16.45 15.27
C ASN A 419 -12.38 17.67 14.48
N GLU A 420 -13.25 18.54 14.94
CA GLU A 420 -13.58 19.72 14.17
C GLU A 420 -12.44 20.73 14.42
N ILE A 421 -12.27 21.67 13.48
CA ILE A 421 -11.27 22.73 13.65
C ILE A 421 -12.03 24.01 13.30
N ALA A 422 -11.72 25.08 14.01
CA ALA A 422 -12.45 26.34 13.81
C ALA A 422 -11.66 27.57 14.22
N CYS A 423 -12.07 28.72 13.69
CA CYS A 423 -11.39 29.97 14.03
C CYS A 423 -11.27 30.18 15.53
N ASP A 424 -12.38 30.06 16.25
CA ASP A 424 -12.33 30.31 17.67
C ASP A 424 -11.47 29.29 18.42
N TYR A 425 -11.30 28.10 17.86
CA TYR A 425 -10.49 27.09 18.53
C TYR A 425 -9.04 27.53 18.63
N ASN A 426 -8.58 28.24 17.61
CA ASN A 426 -7.19 28.69 17.58
C ASN A 426 -6.93 30.07 18.13
N ALA A 427 -7.98 30.82 18.47
CA ALA A 427 -7.80 32.20 18.92
C ALA A 427 -6.98 32.37 20.21
N GLY A 428 -7.51 31.86 21.32
CA GLY A 428 -6.82 31.95 22.60
C GLY A 428 -5.53 31.14 22.55
N PHE A 429 -5.60 30.01 21.86
CA PHE A 429 -4.45 29.13 21.69
C PHE A 429 -3.27 29.94 21.18
N THR A 430 -3.50 30.74 20.14
CA THR A 430 -2.41 31.55 19.57
C THR A 430 -1.76 32.43 20.63
N GLY A 431 -2.56 33.11 21.44
CA GLY A 431 -2.03 33.97 22.50
C GLY A 431 -1.25 33.20 23.57
N ALA A 432 -1.73 32.02 23.91
CA ALA A 432 -1.04 31.21 24.90
C ALA A 432 0.30 30.77 24.31
N LEU A 433 0.32 30.46 23.02
CA LEU A 433 1.56 30.01 22.39
C LEU A 433 2.58 31.15 22.36
N ALA A 434 2.12 32.37 22.14
CA ALA A 434 3.04 33.51 22.12
C ALA A 434 3.71 33.61 23.49
N LYS A 435 2.94 33.39 24.54
CA LYS A 435 3.49 33.47 25.90
C LYS A 435 4.48 32.35 26.18
N MET A 436 4.19 31.15 25.69
CA MET A 436 5.12 30.06 25.92
C MET A 436 6.40 30.31 25.11
N TYR A 437 6.26 30.86 23.92
CA TYR A 437 7.43 31.16 23.09
C TYR A 437 8.30 32.16 23.82
N LYS A 438 7.66 33.19 24.38
CA LYS A 438 8.39 34.23 25.10
C LYS A 438 9.19 33.62 26.24
N HIS A 439 8.59 32.66 26.92
CA HIS A 439 9.22 32.02 28.06
C HIS A 439 10.20 30.88 27.76
N SER A 440 9.87 30.01 26.82
CA SER A 440 10.72 28.86 26.51
C SER A 440 11.29 28.75 25.11
N GLY A 441 10.93 29.68 24.23
CA GLY A 441 11.46 29.62 22.88
C GLY A 441 10.99 28.50 21.97
N GLY A 442 11.85 28.20 21.04
CA GLY A 442 11.56 27.25 19.98
C GLY A 442 11.44 28.06 18.71
N ASP A 443 12.40 27.92 17.80
CA ASP A 443 12.40 28.77 16.61
C ASP A 443 11.42 28.40 15.51
N PRO A 444 10.77 29.40 14.93
CA PRO A 444 9.82 29.12 13.85
C PRO A 444 10.63 28.62 12.66
N ILE A 445 9.98 27.92 11.74
CA ILE A 445 10.66 27.45 10.54
C ILE A 445 10.90 28.70 9.68
N PRO A 446 12.16 28.94 9.28
CA PRO A 446 12.38 30.14 8.46
C PRO A 446 11.70 30.10 7.08
N ASN A 447 11.15 31.22 6.66
CA ASN A 447 10.52 31.35 5.35
C ASN A 447 9.49 30.23 5.08
N PHE A 448 8.74 29.88 6.11
CA PHE A 448 7.76 28.79 5.99
C PHE A 448 6.63 29.08 5.01
N LYS A 449 6.41 28.13 4.11
CA LYS A 449 5.34 28.23 3.14
C LYS A 449 4.64 26.89 3.03
N ALA A 450 3.41 26.91 2.54
CA ALA A 450 2.64 25.69 2.38
C ALA A 450 2.42 25.42 0.89
N ILE A 451 3.52 25.37 0.13
CA ILE A 451 3.45 25.09 -1.29
C ILE A 451 3.61 23.58 -1.36
N GLU A 452 2.49 22.91 -1.60
CA GLU A 452 2.49 21.46 -1.61
C GLU A 452 2.74 20.84 -2.96
N LYS A 453 3.27 19.62 -2.92
CA LYS A 453 3.47 18.88 -4.15
C LYS A 453 2.08 18.42 -4.59
N ILE A 454 1.85 18.39 -5.90
CA ILE A 454 0.57 17.93 -6.41
C ILE A 454 0.60 16.41 -6.31
N THR A 455 -0.28 15.87 -5.48
CA THR A 455 -0.31 14.44 -5.23
C THR A 455 -1.23 13.57 -6.04
N ASN A 456 -2.02 14.17 -6.94
CA ASN A 456 -2.85 13.36 -7.84
C ASN A 456 -2.98 14.17 -9.12
N ASP A 457 -3.00 13.50 -10.26
CA ASP A 457 -3.17 14.22 -11.52
C ASP A 457 -4.46 15.00 -11.41
N GLU A 458 -4.36 16.31 -11.64
CA GLU A 458 -5.52 17.17 -11.49
C GLU A 458 -6.65 17.03 -12.48
N VAL A 459 -6.33 16.62 -13.70
CA VAL A 459 -7.35 16.41 -14.75
C VAL A 459 -6.91 15.13 -15.45
N ILE A 460 -7.80 14.15 -15.51
CA ILE A 460 -7.44 12.88 -16.14
C ILE A 460 -8.53 12.45 -17.11
N ILE A 461 -8.26 11.40 -17.86
CA ILE A 461 -9.25 10.90 -18.78
C ILE A 461 -9.22 9.39 -18.70
N LYS A 462 -10.41 8.78 -18.73
CA LYS A 462 -10.52 7.33 -18.72
C LYS A 462 -11.22 7.00 -20.03
N ALA A 463 -10.88 5.87 -20.63
CA ALA A 463 -11.52 5.52 -21.89
C ALA A 463 -11.69 4.00 -21.98
N GLY A 464 -12.45 3.59 -22.97
CA GLY A 464 -12.70 2.18 -23.22
C GLY A 464 -13.33 2.04 -24.58
N LEU A 465 -13.30 0.83 -25.14
CA LEU A 465 -13.90 0.58 -26.45
C LEU A 465 -15.41 0.43 -26.25
N ASN A 466 -16.17 1.40 -26.76
CA ASN A 466 -17.62 1.39 -26.61
C ASN A 466 -18.27 0.45 -27.63
N SER A 467 -18.06 0.75 -28.90
CA SER A 467 -18.60 -0.03 -30.02
C SER A 467 -17.51 -0.20 -31.08
N THR A 468 -17.55 -1.28 -31.85
CA THR A 468 -16.52 -1.50 -32.86
C THR A 468 -17.05 -2.28 -34.07
N GLY A 469 -16.29 -2.24 -35.16
CA GLY A 469 -16.67 -2.95 -36.37
C GLY A 469 -15.56 -2.99 -37.41
N PRO A 470 -15.76 -3.71 -38.52
CA PRO A 470 -14.75 -3.80 -39.57
C PRO A 470 -14.38 -2.47 -40.22
N ASN A 471 -15.24 -1.46 -40.05
CA ASN A 471 -14.96 -0.15 -40.63
C ASN A 471 -15.03 0.99 -39.61
N TYR A 472 -14.97 0.66 -38.32
CA TYR A 472 -15.03 1.74 -37.33
C TYR A 472 -14.59 1.42 -35.91
N THR A 473 -14.37 2.47 -35.14
CA THR A 473 -14.00 2.34 -33.74
C THR A 473 -14.85 3.37 -33.00
N GLU A 474 -15.48 2.95 -31.91
CA GLU A 474 -16.26 3.90 -31.12
C GLU A 474 -15.68 3.90 -29.72
N ILE A 475 -15.29 5.08 -29.28
CA ILE A 475 -14.66 5.28 -27.97
C ILE A 475 -15.62 5.88 -26.95
N LYS A 476 -15.55 5.40 -25.73
CA LYS A 476 -16.24 6.01 -24.60
C LYS A 476 -15.18 6.64 -23.76
N ALA A 477 -15.20 7.96 -23.63
CA ALA A 477 -14.15 8.64 -22.87
C ALA A 477 -14.78 9.47 -21.77
N VAL A 478 -14.15 9.50 -20.60
CA VAL A 478 -14.67 10.29 -19.50
C VAL A 478 -13.54 11.14 -18.92
N VAL A 479 -13.72 12.44 -18.96
CA VAL A 479 -12.74 13.37 -18.41
C VAL A 479 -13.13 13.63 -16.96
N TYR A 480 -12.16 13.65 -16.05
CA TYR A 480 -12.44 13.93 -14.64
C TYR A 480 -11.64 15.11 -14.13
N ASN A 481 -12.31 16.02 -13.45
CA ASN A 481 -11.67 17.17 -12.84
C ASN A 481 -11.40 16.74 -11.39
N GLN A 482 -10.13 16.60 -11.05
CA GLN A 482 -9.72 16.20 -9.72
C GLN A 482 -8.76 17.28 -9.22
N THR A 483 -9.03 18.53 -9.59
CA THR A 483 -8.14 19.63 -9.21
C THR A 483 -8.13 19.89 -7.70
N GLY A 484 -6.98 20.33 -7.21
CA GLY A 484 -6.84 20.60 -5.80
C GLY A 484 -5.80 21.66 -5.45
N TRP A 485 -5.03 22.10 -6.44
CA TRP A 485 -3.98 23.09 -6.17
C TRP A 485 -4.02 24.26 -7.15
N PRO A 486 -5.08 25.06 -7.11
CA PRO A 486 -6.22 24.91 -6.20
C PRO A 486 -7.38 24.20 -6.88
N ALA A 487 -8.38 23.81 -6.10
CA ALA A 487 -9.58 23.22 -6.66
C ALA A 487 -10.08 24.31 -7.61
N ARG A 488 -10.56 23.93 -8.78
CA ARG A 488 -11.01 24.93 -9.73
C ARG A 488 -11.91 24.38 -10.83
N VAL A 489 -12.71 25.29 -11.40
CA VAL A 489 -13.57 24.96 -12.52
C VAL A 489 -12.63 24.81 -13.71
N THR A 490 -12.86 23.78 -14.52
CA THR A 490 -12.03 23.56 -15.73
C THR A 490 -13.00 23.65 -16.90
N ASP A 491 -13.16 24.86 -17.42
CA ASP A 491 -14.07 25.13 -18.49
C ASP A 491 -13.41 25.29 -19.86
N LYS A 492 -12.15 24.89 -19.96
CA LYS A 492 -11.44 25.00 -21.24
C LYS A 492 -10.71 23.71 -21.54
N ILE A 493 -11.32 22.59 -21.18
CA ILE A 493 -10.71 21.28 -21.38
C ILE A 493 -11.08 20.69 -22.73
N SER A 494 -10.13 19.97 -23.32
CA SER A 494 -10.38 19.27 -24.57
C SER A 494 -9.45 18.07 -24.56
N PHE A 495 -9.67 17.12 -25.45
CA PHE A 495 -8.77 15.97 -25.56
C PHE A 495 -8.70 15.58 -27.03
N LYS A 496 -7.66 14.84 -27.39
N LYS A 496 -7.66 14.85 -27.39
CA LYS A 496 -7.47 14.46 -28.78
CA LYS A 496 -7.46 14.47 -28.79
C LYS A 496 -7.26 12.97 -28.91
C LYS A 496 -7.26 12.97 -28.91
N TYR A 497 -7.94 12.38 -29.90
CA TYR A 497 -7.84 10.94 -30.16
C TYR A 497 -7.07 10.80 -31.48
N PHE A 498 -5.90 10.19 -31.38
CA PHE A 498 -5.01 10.03 -32.53
C PHE A 498 -5.10 8.69 -33.24
N MET A 499 -5.05 8.77 -34.56
CA MET A 499 -5.13 7.61 -35.46
C MET A 499 -4.02 7.68 -36.50
N ASP A 500 -3.59 6.54 -36.98
CA ASP A 500 -2.72 6.45 -38.14
C ASP A 500 -3.59 6.04 -39.27
N LEU A 501 -3.81 6.89 -40.26
CA LEU A 501 -4.75 6.56 -41.34
C LEU A 501 -4.05 6.16 -42.65
N SER A 502 -2.85 5.62 -42.50
CA SER A 502 -2.09 5.17 -43.66
C SER A 502 -2.92 4.19 -44.49
N GLU A 503 -3.72 3.36 -43.84
CA GLU A 503 -4.52 2.39 -44.59
C GLU A 503 -5.64 3.05 -45.38
N ILE A 504 -6.08 4.22 -44.94
CA ILE A 504 -7.12 4.96 -45.64
C ILE A 504 -6.48 5.57 -46.90
N VAL A 505 -5.33 6.20 -46.74
CA VAL A 505 -4.63 6.78 -47.89
C VAL A 505 -4.36 5.68 -48.92
N ALA A 506 -3.92 4.52 -48.45
CA ALA A 506 -3.62 3.39 -49.32
C ALA A 506 -4.86 2.92 -50.08
N ALA A 507 -6.04 3.10 -49.49
CA ALA A 507 -7.29 2.68 -50.13
C ALA A 507 -7.76 3.69 -51.17
N GLY A 508 -7.06 4.81 -51.28
CA GLY A 508 -7.45 5.83 -52.24
C GLY A 508 -8.57 6.71 -51.68
N ILE A 509 -8.76 6.66 -50.37
CA ILE A 509 -9.80 7.45 -49.71
C ILE A 509 -9.20 8.63 -48.95
N ASP A 510 -9.89 9.76 -48.96
CA ASP A 510 -9.42 10.95 -48.25
C ASP A 510 -9.64 10.75 -46.75
N PRO A 511 -8.57 10.77 -45.95
CA PRO A 511 -8.71 10.59 -44.50
C PRO A 511 -9.66 11.62 -43.90
N LEU A 512 -9.73 12.79 -44.50
CA LEU A 512 -10.60 13.84 -43.97
C LEU A 512 -12.08 13.55 -44.26
N SER A 513 -12.35 12.56 -45.09
CA SER A 513 -13.74 12.22 -45.44
C SER A 513 -14.37 11.21 -44.48
N LEU A 514 -13.56 10.60 -43.61
CA LEU A 514 -14.12 9.63 -42.67
C LEU A 514 -15.20 10.30 -41.86
N VAL A 515 -16.19 9.52 -41.43
CA VAL A 515 -17.30 10.06 -40.67
C VAL A 515 -17.10 9.93 -39.16
N THR A 516 -17.12 11.05 -38.45
CA THR A 516 -17.01 10.99 -37.01
C THR A 516 -18.41 11.31 -36.48
N SER A 517 -18.75 10.77 -35.33
CA SER A 517 -20.07 11.00 -34.78
C SER A 517 -20.07 10.83 -33.28
N SER A 518 -21.03 11.48 -32.64
CA SER A 518 -21.21 11.41 -31.19
C SER A 518 -22.66 11.80 -30.91
N TYR A 520 -23.37 9.40 -27.44
CA TYR A 520 -23.91 10.13 -26.30
C TYR A 520 -22.79 10.93 -25.65
N SER A 521 -23.16 11.89 -24.82
CA SER A 521 -22.17 12.69 -24.12
C SER A 521 -22.80 13.55 -23.04
N GLU A 522 -22.21 13.46 -21.85
CA GLU A 522 -22.64 14.35 -20.77
C GLU A 522 -22.14 15.72 -21.12
N GLY A 523 -22.85 16.77 -20.76
CA GLY A 523 -22.40 18.09 -21.12
C GLY A 523 -23.01 18.49 -22.44
N LYS A 524 -23.80 19.55 -22.41
CA LYS A 524 -24.48 20.08 -23.58
C LYS A 524 -23.54 20.69 -24.61
N ASN A 525 -22.36 21.13 -24.15
CA ASN A 525 -21.38 21.78 -25.03
C ASN A 525 -20.35 20.87 -25.68
N THR A 526 -20.43 19.56 -25.43
CA THR A 526 -19.49 18.59 -26.00
C THR A 526 -19.48 18.61 -27.53
N LYS A 527 -18.34 18.99 -28.11
CA LYS A 527 -18.20 19.02 -29.57
C LYS A 527 -17.11 18.11 -30.11
N VAL A 528 -17.50 17.16 -30.94
CA VAL A 528 -16.57 16.21 -31.55
C VAL A 528 -16.32 16.62 -33.01
N SER A 529 -15.07 16.90 -33.35
CA SER A 529 -14.69 17.34 -34.68
C SER A 529 -14.65 16.20 -35.68
N GLY A 530 -14.53 16.58 -36.95
CA GLY A 530 -14.31 15.58 -37.98
C GLY A 530 -12.85 15.20 -37.92
N VAL A 531 -12.40 14.33 -38.79
CA VAL A 531 -10.98 13.98 -38.78
C VAL A 531 -10.13 15.18 -39.19
N LEU A 532 -9.09 15.46 -38.40
CA LEU A 532 -8.19 16.57 -38.70
C LEU A 532 -6.78 16.06 -38.85
N PRO A 533 -5.96 16.74 -39.67
CA PRO A 533 -4.57 16.33 -39.85
C PRO A 533 -3.75 16.71 -38.61
N TRP A 534 -2.77 15.89 -38.28
CA TRP A 534 -1.90 16.20 -37.13
C TRP A 534 -0.43 16.13 -37.59
N ASP A 535 -0.04 14.98 -38.16
CA ASP A 535 1.30 14.83 -38.70
C ASP A 535 1.10 13.92 -39.90
N VAL A 536 0.63 14.52 -41.00
CA VAL A 536 0.32 13.74 -42.20
C VAL A 536 1.51 13.01 -42.80
N SER A 537 2.73 13.50 -42.54
CA SER A 537 3.92 12.83 -43.07
C SER A 537 4.03 11.42 -42.49
N ASN A 538 3.40 11.21 -41.34
CA ASN A 538 3.38 9.91 -40.69
C ASN A 538 1.95 9.37 -40.65
N ASN A 539 1.10 9.95 -41.50
CA ASN A 539 -0.30 9.56 -41.60
C ASN A 539 -1.08 9.68 -40.31
N VAL A 540 -0.66 10.61 -39.44
CA VAL A 540 -1.33 10.80 -38.16
C VAL A 540 -2.38 11.89 -38.25
N TYR A 541 -3.61 11.51 -37.92
CA TYR A 541 -4.75 12.42 -37.91
C TYR A 541 -5.37 12.30 -36.54
N TYR A 542 -6.30 13.20 -36.22
CA TYR A 542 -6.94 13.11 -34.92
C TYR A 542 -8.36 13.63 -34.91
N VAL A 543 -9.06 13.31 -33.85
CA VAL A 543 -10.37 13.88 -33.57
C VAL A 543 -10.22 14.74 -32.36
N ASN A 544 -10.70 15.97 -32.45
CA ASN A 544 -10.60 16.92 -31.35
C ASN A 544 -11.93 16.94 -30.62
N VAL A 545 -11.90 16.74 -29.31
CA VAL A 545 -13.14 16.76 -28.55
C VAL A 545 -12.98 17.95 -27.62
N ASP A 546 -13.83 18.93 -27.80
CA ASP A 546 -13.77 20.15 -27.03
C ASP A 546 -14.87 20.21 -25.99
N LEU A 547 -14.49 20.55 -24.76
CA LEU A 547 -15.44 20.63 -23.66
C LEU A 547 -15.46 22.05 -23.14
N THR A 548 -14.88 22.97 -23.91
CA THR A 548 -14.85 24.36 -23.50
C THR A 548 -16.28 24.81 -23.25
N GLY A 549 -16.46 25.53 -22.14
CA GLY A 549 -17.79 26.01 -21.80
C GLY A 549 -18.44 25.16 -20.74
N GLU A 550 -18.02 23.90 -20.61
CA GLU A 550 -18.58 23.00 -19.60
C GLU A 550 -18.12 23.44 -18.21
N ASN A 551 -19.07 23.50 -17.28
CA ASN A 551 -18.80 23.88 -15.90
C ASN A 551 -18.37 22.63 -15.14
N ILE A 552 -17.20 22.12 -15.47
CA ILE A 552 -16.69 20.93 -14.80
C ILE A 552 -15.96 21.40 -13.55
N TYR A 553 -16.37 20.89 -12.39
CA TYR A 553 -15.70 21.32 -11.16
C TYR A 553 -15.64 20.16 -10.16
N PRO A 554 -14.66 20.17 -9.27
CA PRO A 554 -14.47 19.12 -8.27
C PRO A 554 -15.49 19.22 -7.10
N GLY A 555 -16.75 18.97 -7.40
CA GLY A 555 -17.77 19.09 -6.36
C GLY A 555 -18.93 18.15 -6.45
N GLY A 556 -18.72 16.97 -7.01
CA GLY A 556 -19.80 16.01 -7.12
C GLY A 556 -19.42 14.96 -8.14
N GLN A 557 -20.09 13.82 -8.10
CA GLN A 557 -19.75 12.77 -9.03
C GLN A 557 -20.04 13.15 -10.47
N SER A 558 -21.16 13.82 -10.71
CA SER A 558 -21.47 14.26 -12.05
C SER A 558 -20.76 15.58 -12.38
N ALA A 559 -20.64 16.43 -11.37
CA ALA A 559 -20.02 17.74 -11.56
C ALA A 559 -18.59 17.70 -12.05
N CYS A 560 -17.84 16.72 -11.57
CA CYS A 560 -16.42 16.61 -11.89
C CYS A 560 -16.09 15.85 -13.17
N ARG A 561 -17.09 15.30 -13.84
CA ARG A 561 -16.79 14.53 -15.02
C ARG A 561 -17.65 14.84 -16.24
N ARG A 562 -17.12 14.51 -17.41
CA ARG A 562 -17.87 14.68 -18.64
C ARG A 562 -17.57 13.44 -19.51
N GLU A 563 -18.61 12.69 -19.82
CA GLU A 563 -18.47 11.49 -20.64
C GLU A 563 -18.76 11.87 -22.09
N VAL A 564 -17.94 11.35 -23.01
CA VAL A 564 -18.15 11.62 -24.42
C VAL A 564 -17.92 10.31 -25.17
N GLN A 565 -18.91 9.91 -25.98
CA GLN A 565 -18.79 8.70 -26.79
C GLN A 565 -18.70 9.22 -28.22
N PHE A 566 -17.71 8.73 -28.98
CA PHE A 566 -17.55 9.19 -30.33
C PHE A 566 -17.01 8.05 -31.19
N ARG A 567 -17.32 8.13 -32.48
CA ARG A 567 -16.96 7.10 -33.43
C ARG A 567 -16.31 7.68 -34.68
N ILE A 568 -15.36 6.93 -35.25
CA ILE A 568 -14.74 7.33 -36.49
C ILE A 568 -14.99 6.12 -37.38
N ALA A 569 -15.48 6.37 -38.59
CA ALA A 569 -15.82 5.26 -39.47
C ALA A 569 -15.40 5.40 -40.92
N ALA A 570 -14.90 4.29 -41.48
CA ALA A 570 -14.51 4.24 -42.89
C ALA A 570 -15.82 3.82 -43.59
N PRO A 571 -15.86 3.84 -44.93
CA PRO A 571 -17.08 3.46 -45.66
C PRO A 571 -17.65 2.09 -45.29
N GLN A 572 -18.99 2.00 -45.27
CA GLN A 572 -19.67 0.74 -44.95
C GLN A 572 -19.20 -0.30 -45.95
N GLY A 573 -19.07 -1.54 -45.49
CA GLY A 573 -18.62 -2.59 -46.38
C GLY A 573 -17.12 -2.68 -46.56
N THR A 574 -16.36 -1.69 -46.10
CA THR A 574 -14.90 -1.80 -46.25
C THR A 574 -14.29 -2.51 -45.06
N THR A 575 -13.09 -3.05 -45.28
CA THR A 575 -12.42 -3.83 -44.26
C THR A 575 -10.96 -3.47 -44.05
N TYR A 576 -10.54 -2.31 -44.54
CA TYR A 576 -9.14 -1.95 -44.35
C TYR A 576 -8.90 -1.10 -43.10
N TRP A 577 -9.96 -0.61 -42.47
CA TRP A 577 -9.79 0.18 -41.25
C TRP A 577 -8.94 -0.62 -40.26
N ASN A 578 -7.86 -0.03 -39.77
CA ASN A 578 -7.02 -0.75 -38.81
C ASN A 578 -6.74 0.08 -37.56
N PRO A 579 -7.49 -0.17 -36.48
CA PRO A 579 -7.27 0.61 -35.26
C PRO A 579 -5.95 0.29 -34.55
N LYS A 580 -5.37 -0.87 -34.85
CA LYS A 580 -4.14 -1.28 -34.17
C LYS A 580 -2.90 -0.43 -34.40
N ASN A 581 -2.86 0.35 -35.48
CA ASN A 581 -1.70 1.21 -35.66
C ASN A 581 -2.03 2.64 -35.18
N ASP A 582 -3.19 2.79 -34.54
CA ASP A 582 -3.61 4.10 -34.02
C ASP A 582 -3.00 4.35 -32.63
N PHE A 583 -2.29 5.46 -32.49
CA PHE A 583 -1.66 5.80 -31.22
C PHE A 583 -2.62 5.72 -30.03
N SER A 584 -3.80 6.31 -30.17
CA SER A 584 -4.75 6.32 -29.05
C SER A 584 -5.52 5.05 -28.81
N TYR A 585 -5.36 4.05 -29.68
CA TYR A 585 -6.07 2.80 -29.52
C TYR A 585 -5.23 1.81 -28.72
N ASP A 586 -3.92 2.02 -28.71
CA ASP A 586 -3.04 1.11 -28.01
C ASP A 586 -3.31 1.00 -26.52
N GLY A 587 -3.67 -0.20 -26.08
CA GLY A 587 -3.94 -0.44 -24.68
C GLY A 587 -5.37 -0.08 -24.26
N LEU A 588 -6.09 0.57 -25.15
CA LEU A 588 -7.47 0.97 -24.86
C LEU A 588 -8.27 -0.17 -24.26
N PRO A 589 -8.96 0.08 -23.12
CA PRO A 589 -9.76 -0.99 -22.49
C PRO A 589 -10.81 -1.49 -23.49
N THR A 590 -10.94 -2.82 -23.60
CA THR A 590 -11.76 -3.52 -24.62
C THR A 590 -13.27 -3.38 -24.43
N THR A 591 -13.79 -2.75 -23.38
CA THR A 591 -15.24 -2.60 -23.21
C THR A 591 -15.66 -1.18 -22.85
N SER A 592 -16.95 -1.03 -22.56
CA SER A 592 -17.48 0.28 -22.19
C SER A 592 -17.18 0.60 -20.72
N THR A 593 -16.38 -0.25 -20.07
CA THR A 593 -15.99 0.00 -18.67
C THR A 593 -14.60 0.67 -18.76
N VAL A 594 -14.62 2.00 -18.71
CA VAL A 594 -13.42 2.81 -18.84
C VAL A 594 -12.37 2.72 -17.75
N ASN A 595 -11.13 3.00 -18.15
CA ASN A 595 -10.00 3.02 -17.24
C ASN A 595 -9.07 4.15 -17.67
N THR A 596 -8.24 4.64 -16.75
CA THR A 596 -7.33 5.74 -17.07
C THR A 596 -6.40 5.39 -18.22
N VAL A 597 -6.34 6.26 -19.23
CA VAL A 597 -5.43 6.04 -20.36
C VAL A 597 -4.49 7.23 -20.50
N THR A 598 -3.29 6.97 -21.02
CA THR A 598 -2.31 8.02 -21.16
C THR A 598 -2.03 8.39 -22.61
N ASN A 599 -2.79 7.82 -23.54
CA ASN A 599 -2.60 8.11 -24.95
C ASN A 599 -3.75 8.85 -25.64
N ILE A 600 -4.61 9.46 -24.88
CA ILE A 600 -5.65 10.36 -25.36
C ILE A 600 -5.50 11.62 -24.56
N PRO A 601 -4.45 12.36 -24.90
CA PRO A 601 -4.08 13.56 -24.15
C PRO A 601 -5.16 14.59 -23.92
N VAL A 602 -5.12 15.17 -22.72
CA VAL A 602 -6.06 16.17 -22.28
C VAL A 602 -5.36 17.52 -22.24
N TYR A 603 -6.05 18.54 -22.70
CA TYR A 603 -5.52 19.88 -22.79
C TYR A 603 -6.38 20.80 -21.96
N ASP A 604 -5.73 21.77 -21.35
CA ASP A 604 -6.41 22.77 -20.54
C ASP A 604 -6.00 24.06 -21.20
N ASN A 605 -6.95 24.70 -21.88
CA ASN A 605 -6.68 25.94 -22.60
C ASN A 605 -5.53 25.69 -23.58
N GLY A 606 -5.66 24.63 -24.38
CA GLY A 606 -4.64 24.33 -25.38
C GLY A 606 -3.34 23.72 -24.88
N VAL A 607 -3.10 23.73 -23.58
CA VAL A 607 -1.88 23.16 -23.00
C VAL A 607 -2.12 21.72 -22.58
N LYS A 608 -1.27 20.81 -23.04
CA LYS A 608 -1.43 19.42 -22.67
C LYS A 608 -1.10 19.25 -21.18
N VAL A 609 -2.04 18.70 -20.42
CA VAL A 609 -1.82 18.52 -18.99
C VAL A 609 -1.85 17.07 -18.52
N PHE A 610 -2.29 16.17 -19.39
CA PHE A 610 -2.33 14.76 -19.02
C PHE A 610 -2.13 13.93 -20.27
N GLY A 611 -1.37 12.85 -20.15
CA GLY A 611 -1.20 11.99 -21.30
C GLY A 611 -0.11 12.38 -22.27
N ASN A 612 0.05 11.58 -23.31
CA ASN A 612 1.09 11.79 -24.30
C ASN A 612 0.55 11.94 -25.71
N GLU A 613 1.34 12.60 -26.55
CA GLU A 613 1.00 12.75 -27.96
C GLU A 613 1.92 11.83 -28.75
N PRO A 614 1.59 11.59 -30.04
CA PRO A 614 2.41 10.72 -30.90
C PRO A 614 3.79 11.33 -31.15
N GLY B 2 -11.08 -10.12 -18.80
CA GLY B 2 -11.99 -11.29 -18.72
C GLY B 2 -12.11 -11.77 -17.28
N THR B 3 -12.37 -13.06 -17.11
CA THR B 3 -12.50 -13.61 -15.76
C THR B 3 -11.52 -14.74 -15.57
N TYR B 4 -11.17 -15.01 -14.33
CA TYR B 4 -10.21 -16.06 -14.09
C TYR B 4 -10.70 -17.10 -13.11
N ASN B 5 -10.31 -18.33 -13.36
CA ASN B 5 -10.71 -19.41 -12.51
C ASN B 5 -9.79 -19.41 -11.30
N TYR B 6 -10.25 -18.81 -10.21
CA TYR B 6 -9.44 -18.72 -9.00
C TYR B 6 -9.25 -20.05 -8.31
N GLY B 7 -10.23 -20.94 -8.47
CA GLY B 7 -10.14 -22.25 -7.84
C GLY B 7 -9.06 -23.12 -8.43
N GLU B 8 -8.96 -23.11 -9.76
CA GLU B 8 -7.94 -23.89 -10.46
C GLU B 8 -6.58 -23.28 -10.10
N ALA B 9 -6.51 -21.95 -10.03
CA ALA B 9 -5.24 -21.30 -9.68
C ALA B 9 -4.82 -21.71 -8.27
N LEU B 10 -5.77 -21.68 -7.35
CA LEU B 10 -5.50 -22.05 -5.96
C LEU B 10 -5.00 -23.49 -5.86
N GLN B 11 -5.72 -24.41 -6.49
CA GLN B 11 -5.34 -25.80 -6.42
C GLN B 11 -3.91 -25.99 -6.98
N LYS B 12 -3.58 -25.29 -8.06
CA LYS B 12 -2.24 -25.44 -8.64
C LYS B 12 -1.17 -24.77 -7.80
N SER B 13 -1.49 -23.61 -7.21
CA SER B 13 -0.52 -22.94 -6.35
C SER B 13 -0.16 -23.84 -5.16
N ILE B 14 -1.14 -24.57 -4.62
CA ILE B 14 -0.86 -25.50 -3.52
C ILE B 14 0.00 -26.66 -4.04
N MET B 15 -0.32 -27.14 -5.22
CA MET B 15 0.41 -28.28 -5.79
C MET B 15 1.87 -27.93 -6.08
N PHE B 16 2.17 -26.66 -6.38
CA PHE B 16 3.53 -26.21 -6.61
C PHE B 16 4.47 -26.70 -5.51
N TYR B 17 4.04 -26.54 -4.25
CA TYR B 17 4.87 -26.97 -3.12
C TYR B 17 5.15 -28.46 -3.13
N GLU B 18 4.22 -29.25 -3.63
CA GLU B 18 4.47 -30.68 -3.70
C GLU B 18 5.67 -30.97 -4.62
N PHE B 19 5.84 -30.15 -5.67
CA PHE B 19 6.95 -30.35 -6.59
C PHE B 19 8.24 -29.83 -5.97
N GLN B 20 8.12 -29.08 -4.87
CA GLN B 20 9.31 -28.55 -4.20
C GLN B 20 9.76 -29.50 -3.09
N ARG B 21 8.98 -30.54 -2.83
CA ARG B 21 9.34 -31.43 -1.72
C ARG B 21 10.69 -32.15 -1.80
N SER B 22 11.38 -32.15 -0.67
CA SER B 22 12.64 -32.88 -0.54
C SER B 22 12.32 -34.06 0.38
N GLY B 23 13.12 -35.12 0.30
CA GLY B 23 12.90 -36.24 1.19
C GLY B 23 12.17 -37.43 0.62
N ASP B 24 11.68 -38.26 1.53
CA ASP B 24 10.97 -39.51 1.24
C ASP B 24 9.54 -39.15 0.86
N LEU B 25 9.28 -39.11 -0.44
CA LEU B 25 7.96 -38.70 -0.88
C LEU B 25 6.86 -39.74 -0.62
N PRO B 26 5.67 -39.28 -0.26
CA PRO B 26 4.57 -40.21 0.02
C PRO B 26 4.14 -41.06 -1.16
N ALA B 27 3.62 -42.25 -0.83
CA ALA B 27 3.16 -43.18 -1.84
C ALA B 27 1.93 -42.62 -2.53
N ASP B 28 1.25 -41.71 -1.85
CA ASP B 28 0.05 -41.09 -2.37
C ASP B 28 0.32 -39.84 -3.22
N LYS B 29 1.57 -39.60 -3.63
CA LYS B 29 1.83 -38.41 -4.43
C LYS B 29 1.10 -38.46 -5.75
N ARG B 30 0.79 -37.30 -6.31
CA ARG B 30 0.03 -37.24 -7.55
C ARG B 30 0.79 -36.70 -8.76
N ASP B 31 2.06 -37.04 -8.84
CA ASP B 31 2.88 -36.66 -9.99
C ASP B 31 3.77 -37.87 -10.24
N ASN B 32 4.35 -37.93 -11.44
CA ASN B 32 5.23 -39.05 -11.77
C ASN B 32 6.61 -38.59 -12.15
N TRP B 33 7.03 -37.43 -11.64
CA TRP B 33 8.36 -36.96 -11.99
C TRP B 33 9.23 -36.50 -10.83
N ARG B 34 8.66 -36.47 -9.64
CA ARG B 34 9.45 -36.14 -8.45
C ARG B 34 9.58 -37.45 -7.66
N ASP B 35 10.75 -37.71 -7.08
CA ASP B 35 10.91 -38.92 -6.27
C ASP B 35 11.84 -38.58 -5.10
N ASP B 36 12.18 -39.59 -4.33
CA ASP B 36 13.06 -39.42 -3.18
C ASP B 36 14.31 -38.63 -3.53
N SER B 37 14.70 -37.70 -2.64
CA SER B 37 15.88 -36.87 -2.87
C SER B 37 16.29 -36.26 -1.52
N GLY B 38 17.55 -35.83 -1.42
CA GLY B 38 18.01 -35.26 -0.17
C GLY B 38 17.78 -36.27 0.96
N MET B 39 17.96 -37.54 0.62
CA MET B 39 17.69 -38.61 1.57
C MET B 39 18.74 -38.77 2.65
N LYS B 40 19.89 -38.13 2.51
CA LYS B 40 20.92 -38.20 3.52
C LYS B 40 21.02 -36.85 4.25
N ASP B 41 20.01 -36.00 4.06
CA ASP B 41 20.02 -34.69 4.70
C ASP B 41 20.12 -34.79 6.22
N GLY B 42 21.18 -34.20 6.75
CA GLY B 42 21.43 -34.21 8.19
C GLY B 42 22.42 -35.29 8.61
N SER B 43 22.73 -36.20 7.69
CA SER B 43 23.65 -37.30 8.00
C SER B 43 25.02 -36.83 8.44
N ASP B 44 25.41 -35.63 8.01
CA ASP B 44 26.71 -35.06 8.38
C ASP B 44 26.77 -34.67 9.85
N VAL B 45 25.61 -34.52 10.48
CA VAL B 45 25.59 -34.17 11.90
C VAL B 45 24.88 -35.24 12.73
N GLY B 46 24.47 -36.33 12.08
CA GLY B 46 23.80 -37.40 12.81
C GLY B 46 22.38 -37.10 13.22
N VAL B 47 21.71 -36.30 12.42
CA VAL B 47 20.33 -35.94 12.70
C VAL B 47 19.52 -36.13 11.43
N ASP B 48 18.32 -36.69 11.56
CA ASP B 48 17.49 -36.88 10.38
C ASP B 48 16.88 -35.49 10.06
N LEU B 49 17.36 -34.87 8.99
CA LEU B 49 16.85 -33.56 8.59
C LEU B 49 16.21 -33.66 7.21
N THR B 50 15.68 -34.84 6.90
CA THR B 50 15.07 -35.03 5.60
C THR B 50 13.70 -34.37 5.61
N GLY B 51 13.25 -34.03 4.41
CA GLY B 51 11.95 -33.39 4.26
C GLY B 51 12.04 -31.92 3.92
N GLY B 52 10.94 -31.21 4.14
CA GLY B 52 10.91 -29.80 3.85
C GLY B 52 10.80 -29.56 2.36
N TRP B 53 10.96 -28.30 1.97
CA TRP B 53 10.86 -27.90 0.57
C TRP B 53 12.13 -27.27 0.07
N TYR B 54 12.51 -27.59 -1.16
CA TYR B 54 13.66 -26.93 -1.76
C TYR B 54 13.19 -25.49 -1.95
N ASP B 55 14.12 -24.54 -1.85
CA ASP B 55 13.72 -23.15 -1.90
C ASP B 55 13.13 -22.61 -3.20
N ALA B 56 13.90 -22.69 -4.27
CA ALA B 56 13.50 -22.08 -5.53
C ALA B 56 13.73 -23.07 -6.67
N GLY B 57 14.62 -22.70 -7.59
CA GLY B 57 14.96 -23.58 -8.72
C GLY B 57 16.21 -24.40 -8.42
N ASP B 58 16.59 -24.34 -7.15
CA ASP B 58 17.75 -24.99 -6.58
C ASP B 58 17.34 -26.07 -5.57
N HIS B 59 18.30 -26.64 -4.86
CA HIS B 59 17.96 -27.70 -3.91
C HIS B 59 18.43 -27.42 -2.47
N VAL B 60 18.73 -26.16 -2.19
CA VAL B 60 19.09 -25.81 -0.82
C VAL B 60 17.78 -25.68 -0.03
N LYS B 61 17.84 -26.07 1.23
CA LYS B 61 16.69 -25.91 2.13
C LYS B 61 17.07 -24.72 3.03
N PHE B 62 16.46 -23.57 2.73
CA PHE B 62 16.69 -22.29 3.44
C PHE B 62 15.50 -22.14 4.38
N ASN B 63 15.71 -22.38 5.67
CA ASN B 63 14.58 -22.37 6.59
C ASN B 63 13.87 -21.05 6.82
N LEU B 64 14.53 -19.90 6.57
CA LEU B 64 13.83 -18.65 6.79
C LEU B 64 12.67 -18.49 5.79
N PRO B 65 12.96 -18.55 4.48
CA PRO B 65 11.81 -18.41 3.57
C PRO B 65 10.90 -19.62 3.64
N MET B 66 11.45 -20.78 3.97
CA MET B 66 10.63 -22.00 4.04
C MET B 66 9.59 -21.88 5.14
N SER B 67 10.00 -21.37 6.30
CA SER B 67 9.10 -21.22 7.43
C SER B 67 8.16 -20.04 7.22
N TYR B 68 8.65 -19.00 6.55
CA TYR B 68 7.79 -17.89 6.21
C TYR B 68 6.64 -18.46 5.36
N THR B 69 7.01 -19.30 4.41
CA THR B 69 6.02 -19.86 3.50
C THR B 69 4.95 -20.65 4.19
N SER B 70 5.34 -21.62 5.00
CA SER B 70 4.33 -22.43 5.66
C SER B 70 3.51 -21.59 6.65
N ALA B 71 4.13 -20.60 7.30
CA ALA B 71 3.35 -19.73 8.19
C ALA B 71 2.28 -18.99 7.40
N MET B 72 2.63 -18.52 6.20
CA MET B 72 1.70 -17.80 5.36
C MET B 72 0.59 -18.73 4.87
N LEU B 73 0.92 -19.98 4.53
CA LEU B 73 -0.12 -20.91 4.08
C LEU B 73 -1.08 -21.20 5.23
N ALA B 74 -0.53 -21.38 6.43
CA ALA B 74 -1.38 -21.66 7.59
C ALA B 74 -2.25 -20.44 7.89
N TRP B 75 -1.68 -19.24 7.74
CA TRP B 75 -2.48 -18.02 7.97
C TRP B 75 -3.68 -18.05 7.03
N SER B 76 -3.44 -18.36 5.76
CA SER B 76 -4.54 -18.41 4.80
C SER B 76 -5.58 -19.44 5.22
N LEU B 77 -5.15 -20.63 5.64
CA LEU B 77 -6.13 -21.66 6.05
C LEU B 77 -6.89 -21.20 7.30
N TYR B 78 -6.21 -20.47 8.18
CA TYR B 78 -6.85 -19.96 9.40
C TYR B 78 -7.91 -18.90 9.03
N GLU B 79 -7.60 -18.07 8.05
CA GLU B 79 -8.52 -17.01 7.63
C GLU B 79 -9.67 -17.48 6.75
N ASP B 80 -9.38 -18.43 5.86
CA ASP B 80 -10.37 -18.86 4.89
C ASP B 80 -10.61 -20.36 4.75
N LYS B 81 -10.85 -21.03 5.86
CA LYS B 81 -11.07 -22.48 5.78
C LYS B 81 -12.25 -22.79 4.88
N ASP B 82 -13.25 -21.91 4.87
CA ASP B 82 -14.41 -22.12 4.02
C ASP B 82 -14.02 -22.21 2.55
N ALA B 83 -13.03 -21.41 2.12
CA ALA B 83 -12.59 -21.46 0.72
C ALA B 83 -11.89 -22.79 0.41
N TYR B 84 -11.05 -23.25 1.33
CA TYR B 84 -10.36 -24.51 1.12
C TYR B 84 -11.33 -25.66 1.12
N ASP B 85 -12.29 -25.63 2.04
CA ASP B 85 -13.28 -26.71 2.13
C ASP B 85 -14.12 -26.77 0.86
N LYS B 86 -14.64 -25.63 0.41
CA LYS B 86 -15.48 -25.62 -0.77
C LYS B 86 -14.75 -26.00 -2.04
N SER B 87 -13.47 -25.62 -2.12
CA SER B 87 -12.69 -25.92 -3.30
C SER B 87 -12.12 -27.33 -3.25
N GLY B 88 -12.34 -28.03 -2.14
CA GLY B 88 -11.81 -29.37 -1.99
C GLY B 88 -10.30 -29.39 -1.86
N GLN B 89 -9.70 -28.25 -1.49
CA GLN B 89 -8.24 -28.19 -1.38
C GLN B 89 -7.70 -28.26 0.05
N THR B 90 -8.59 -28.30 1.04
CA THR B 90 -8.17 -28.36 2.44
C THR B 90 -7.14 -29.45 2.71
N LYS B 91 -7.39 -30.67 2.23
CA LYS B 91 -6.45 -31.76 2.49
C LYS B 91 -5.07 -31.48 1.95
N TYR B 92 -5.02 -30.93 0.74
CA TYR B 92 -3.74 -30.64 0.11
C TYR B 92 -2.94 -29.56 0.78
N ILE B 93 -3.60 -28.48 1.21
CA ILE B 93 -2.82 -27.44 1.87
C ILE B 93 -2.38 -27.89 3.24
N MET B 94 -3.23 -28.66 3.92
CA MET B 94 -2.83 -29.16 5.23
C MET B 94 -1.64 -30.10 5.07
N ASP B 95 -1.63 -30.93 4.03
CA ASP B 95 -0.49 -31.84 3.87
C ASP B 95 0.79 -31.02 3.61
N GLY B 96 0.65 -29.90 2.90
CA GLY B 96 1.83 -29.08 2.61
C GLY B 96 2.33 -28.42 3.89
N ILE B 97 1.40 -27.89 4.67
CA ILE B 97 1.76 -27.23 5.93
C ILE B 97 2.44 -28.26 6.83
N LYS B 98 1.90 -29.48 6.85
CA LYS B 98 2.50 -30.50 7.69
C LYS B 98 3.86 -30.93 7.16
N TRP B 99 4.05 -30.91 5.84
CA TRP B 99 5.33 -31.29 5.25
C TRP B 99 6.45 -30.37 5.75
N ALA B 100 6.20 -29.07 5.71
CA ALA B 100 7.20 -28.12 6.15
C ALA B 100 7.41 -28.25 7.66
N ASN B 101 6.32 -28.28 8.41
CA ASN B 101 6.47 -28.33 9.87
C ASN B 101 7.02 -29.63 10.45
N ASP B 102 6.80 -30.75 9.78
CA ASP B 102 7.39 -31.99 10.29
C ASP B 102 8.91 -31.84 10.19
N TYR B 103 9.36 -31.14 9.15
CA TYR B 103 10.79 -30.92 8.93
C TYR B 103 11.34 -29.93 9.98
N PHE B 104 10.62 -28.84 10.24
CA PHE B 104 11.09 -27.90 11.28
C PHE B 104 11.18 -28.59 12.63
N ILE B 105 10.26 -29.51 12.92
CA ILE B 105 10.34 -30.25 14.19
C ILE B 105 11.63 -31.09 14.23
N LYS B 106 11.98 -31.71 13.11
CA LYS B 106 13.20 -32.49 13.03
C LYS B 106 14.38 -31.59 13.26
N CYS B 107 14.28 -30.35 12.78
CA CYS B 107 15.39 -29.40 12.89
C CYS B 107 15.63 -28.88 14.31
N ASN B 108 14.71 -29.19 15.22
CA ASN B 108 14.83 -28.76 16.64
C ASN B 108 14.86 -30.07 17.44
N PRO B 109 15.93 -30.87 17.24
CA PRO B 109 16.09 -32.18 17.89
C PRO B 109 16.22 -32.22 19.40
N THR B 110 16.71 -31.13 19.96
CA THR B 110 16.89 -31.03 21.40
C THR B 110 16.69 -29.55 21.72
N PRO B 111 16.16 -29.23 22.92
CA PRO B 111 15.93 -27.82 23.26
C PRO B 111 17.22 -27.00 23.13
N GLY B 112 17.11 -25.83 22.48
CA GLY B 112 18.26 -24.95 22.35
C GLY B 112 19.10 -25.15 21.10
N VAL B 113 18.70 -26.10 20.26
CA VAL B 113 19.42 -26.37 19.04
C VAL B 113 18.46 -26.31 17.86
N TYR B 114 18.84 -25.57 16.83
CA TYR B 114 18.00 -25.47 15.65
C TYR B 114 18.78 -25.48 14.34
N TYR B 115 18.54 -26.49 13.52
CA TYR B 115 19.18 -26.56 12.21
C TYR B 115 18.37 -25.68 11.28
N TYR B 116 19.04 -24.69 10.68
CA TYR B 116 18.35 -23.72 9.84
C TYR B 116 18.64 -23.82 8.35
N GLN B 117 19.51 -24.74 7.97
CA GLN B 117 19.83 -24.90 6.56
C GLN B 117 20.41 -26.25 6.27
N VAL B 118 20.08 -26.78 5.08
CA VAL B 118 20.71 -28.02 4.62
C VAL B 118 21.02 -27.71 3.17
N GLY B 119 22.31 -27.80 2.85
CA GLY B 119 22.77 -27.51 1.51
C GLY B 119 23.68 -26.29 1.61
N ASP B 120 24.67 -26.24 0.72
CA ASP B 120 25.62 -25.13 0.63
C ASP B 120 25.27 -24.45 -0.70
N GLY B 121 24.99 -23.16 -0.67
CA GLY B 121 24.59 -22.47 -1.88
C GLY B 121 25.57 -22.65 -3.02
N GLY B 122 26.86 -22.52 -2.70
CA GLY B 122 27.87 -22.65 -3.74
C GLY B 122 27.92 -24.03 -4.34
N LYS B 123 27.86 -25.05 -3.50
CA LYS B 123 27.92 -26.43 -3.98
C LYS B 123 26.64 -26.78 -4.71
N ASP B 124 25.51 -26.34 -4.19
CA ASP B 124 24.23 -26.66 -4.80
C ASP B 124 23.99 -26.00 -6.14
N HIS B 125 24.36 -24.73 -6.23
CA HIS B 125 24.10 -23.99 -7.45
C HIS B 125 25.05 -24.25 -8.59
N SER B 126 26.17 -24.87 -8.26
CA SER B 126 27.18 -25.19 -9.26
C SER B 126 26.89 -26.44 -10.06
N TRP B 127 25.68 -26.99 -9.94
CA TRP B 127 25.31 -28.17 -10.72
C TRP B 127 23.88 -27.94 -11.20
N TRP B 128 23.60 -28.27 -12.47
CA TRP B 128 22.26 -28.07 -13.01
C TRP B 128 21.66 -29.43 -13.39
N GLY B 129 20.87 -29.99 -12.47
CA GLY B 129 20.27 -31.29 -12.72
C GLY B 129 19.15 -31.55 -11.74
N PRO B 130 18.43 -32.66 -11.92
CA PRO B 130 17.31 -33.01 -11.05
C PRO B 130 17.69 -33.43 -9.63
N ALA B 131 16.86 -33.00 -8.70
CA ALA B 131 17.06 -33.26 -7.28
C ALA B 131 17.40 -34.69 -6.93
N GLU B 132 16.69 -35.62 -7.56
CA GLU B 132 16.85 -37.05 -7.31
C GLU B 132 18.26 -37.61 -7.45
N VAL B 133 19.10 -36.99 -8.25
CA VAL B 133 20.44 -37.52 -8.43
C VAL B 133 21.59 -36.60 -8.04
N MET B 134 21.30 -35.66 -7.13
CA MET B 134 22.34 -34.76 -6.63
C MET B 134 23.48 -35.62 -6.09
N GLN B 135 24.72 -35.25 -6.39
CA GLN B 135 25.86 -36.04 -5.91
C GLN B 135 26.74 -35.29 -4.92
N MET B 136 26.53 -33.98 -4.81
CA MET B 136 27.36 -33.16 -3.94
C MET B 136 27.03 -33.19 -2.45
N GLU B 137 27.99 -32.76 -1.66
CA GLU B 137 27.78 -32.73 -0.21
C GLU B 137 26.69 -31.71 0.07
N ARG B 138 25.90 -31.98 1.11
CA ARG B 138 24.80 -31.09 1.50
C ARG B 138 24.95 -30.84 3.01
N PRO B 139 25.85 -29.94 3.39
CA PRO B 139 26.04 -29.69 4.82
C PRO B 139 24.85 -29.10 5.56
N SER B 140 24.73 -29.49 6.83
CA SER B 140 23.66 -29.00 7.72
C SER B 140 24.26 -27.91 8.60
N PHE B 141 23.46 -26.88 8.92
CA PHE B 141 23.96 -25.76 9.74
C PHE B 141 22.98 -25.48 10.86
N LYS B 142 23.49 -25.12 12.03
CA LYS B 142 22.60 -24.85 13.15
C LYS B 142 22.94 -23.59 13.89
N VAL B 143 21.94 -23.12 14.64
CA VAL B 143 22.11 -21.97 15.53
C VAL B 143 21.79 -22.48 16.93
N ASP B 144 22.34 -21.81 17.92
CA ASP B 144 22.10 -22.18 19.30
C ASP B 144 22.37 -20.92 20.13
N ALA B 145 22.36 -21.05 21.47
CA ALA B 145 22.58 -19.88 22.31
C ALA B 145 23.88 -19.15 21.97
N SER B 146 24.91 -19.89 21.58
CA SER B 146 26.22 -19.31 21.25
C SER B 146 26.35 -18.74 19.83
N LYS B 147 25.50 -19.20 18.92
CA LYS B 147 25.51 -18.75 17.50
C LYS B 147 24.04 -18.59 17.20
N PRO B 148 23.44 -17.49 17.65
CA PRO B 148 22.02 -17.23 17.44
C PRO B 148 21.48 -16.90 16.04
N GLY B 149 20.20 -17.22 15.85
CA GLY B 149 19.52 -16.93 14.61
C GLY B 149 18.10 -16.55 15.00
N SER B 150 17.91 -15.36 15.58
CA SER B 150 16.59 -14.95 16.03
C SER B 150 15.54 -14.95 14.93
N ALA B 151 15.86 -14.36 13.78
CA ALA B 151 14.89 -14.31 12.69
C ALA B 151 14.45 -15.68 12.26
N VAL B 152 15.40 -16.55 11.94
CA VAL B 152 14.99 -17.86 11.46
C VAL B 152 14.31 -18.70 12.54
N CYS B 153 14.72 -18.56 13.79
CA CYS B 153 14.10 -19.32 14.87
C CYS B 153 12.67 -18.85 15.10
N ALA B 154 12.47 -17.52 15.14
CA ALA B 154 11.15 -16.94 15.35
C ALA B 154 10.24 -17.25 14.16
N SER B 155 10.78 -17.14 12.96
CA SER B 155 10.01 -17.43 11.74
C SER B 155 9.52 -18.88 11.82
N THR B 156 10.40 -19.78 12.28
CA THR B 156 10.03 -21.19 12.37
C THR B 156 8.99 -21.36 13.50
N ALA B 157 9.17 -20.66 14.61
CA ALA B 157 8.19 -20.75 15.69
C ALA B 157 6.81 -20.30 15.16
N ALA B 158 6.80 -19.26 14.34
CA ALA B 158 5.54 -18.76 13.77
C ALA B 158 4.91 -19.85 12.90
N SER B 159 5.73 -20.49 12.07
CA SER B 159 5.22 -21.56 11.23
C SER B 159 4.63 -22.67 12.08
N LEU B 160 5.37 -23.11 13.09
CA LEU B 160 4.89 -24.19 13.96
C LEU B 160 3.62 -23.82 14.74
N ALA B 161 3.56 -22.60 15.25
CA ALA B 161 2.40 -22.15 16.01
C ALA B 161 1.18 -21.97 15.13
N SER B 162 1.36 -21.41 13.93
CA SER B 162 0.23 -21.25 13.02
C SER B 162 -0.23 -22.66 12.59
N ALA B 163 0.71 -23.57 12.40
CA ALA B 163 0.31 -24.94 12.05
C ALA B 163 -0.56 -25.52 13.18
N ALA B 164 -0.18 -25.25 14.42
CA ALA B 164 -0.94 -25.78 15.57
C ALA B 164 -2.34 -25.21 15.54
N VAL B 165 -2.45 -23.93 15.23
CA VAL B 165 -3.77 -23.32 15.16
C VAL B 165 -4.70 -24.03 14.16
N VAL B 166 -4.18 -24.31 12.97
CA VAL B 166 -5.02 -24.92 11.97
C VAL B 166 -5.16 -26.44 12.07
N PHE B 167 -4.31 -27.08 12.85
CA PHE B 167 -4.40 -28.55 13.01
C PHE B 167 -5.06 -28.96 14.32
N LYS B 168 -5.23 -28.01 15.22
CA LYS B 168 -5.77 -28.33 16.54
C LYS B 168 -7.06 -29.14 16.58
N SER B 169 -8.05 -28.78 15.79
CA SER B 169 -9.32 -29.50 15.84
C SER B 169 -9.26 -30.89 15.22
N SER B 170 -8.38 -31.11 14.25
CA SER B 170 -8.28 -32.41 13.61
C SER B 170 -7.15 -33.30 14.12
N ASP B 171 -6.10 -32.71 14.68
CA ASP B 171 -4.96 -33.47 15.18
C ASP B 171 -4.38 -32.71 16.38
N PRO B 172 -5.09 -32.74 17.52
CA PRO B 172 -4.63 -32.04 18.73
C PRO B 172 -3.23 -32.45 19.21
N THR B 173 -2.89 -33.72 19.00
CA THR B 173 -1.58 -34.21 19.42
C THR B 173 -0.48 -33.57 18.58
N TYR B 174 -0.72 -33.45 17.27
CA TYR B 174 0.27 -32.82 16.42
C TYR B 174 0.33 -31.34 16.76
N ALA B 175 -0.82 -30.72 17.01
CA ALA B 175 -0.84 -29.30 17.33
C ALA B 175 -0.01 -29.07 18.60
N GLU B 176 -0.17 -29.95 19.58
CA GLU B 176 0.56 -29.84 20.83
C GLU B 176 2.06 -30.01 20.59
N LYS B 177 2.44 -30.93 19.70
CA LYS B 177 3.84 -31.15 19.40
C LYS B 177 4.41 -29.88 18.74
N CYS B 178 3.65 -29.30 17.80
CA CYS B 178 4.09 -28.09 17.12
C CYS B 178 4.31 -26.96 18.13
N ILE B 179 3.35 -26.82 19.04
CA ILE B 179 3.48 -25.76 20.05
C ILE B 179 4.74 -25.95 20.91
N SER B 180 4.99 -27.18 21.33
CA SER B 180 6.17 -27.45 22.15
C SER B 180 7.45 -26.98 21.45
N HIS B 181 7.59 -27.30 20.17
CA HIS B 181 8.79 -26.88 19.46
C HIS B 181 8.75 -25.39 19.15
N ALA B 182 7.57 -24.84 18.90
CA ALA B 182 7.45 -23.41 18.62
C ALA B 182 7.93 -22.64 19.86
N LYS B 183 7.52 -23.10 21.03
CA LYS B 183 7.92 -22.42 22.28
C LYS B 183 9.44 -22.41 22.45
N ASN B 184 10.11 -23.52 22.12
CA ASN B 184 11.56 -23.53 22.28
C ASN B 184 12.27 -22.60 21.30
N LEU B 185 11.83 -22.64 20.04
CA LEU B 185 12.48 -21.81 19.03
C LEU B 185 12.22 -20.34 19.29
N PHE B 186 11.02 -20.03 19.74
CA PHE B 186 10.70 -18.66 20.07
C PHE B 186 11.56 -18.22 21.28
N ASP B 187 11.65 -19.07 22.30
CA ASP B 187 12.46 -18.72 23.48
C ASP B 187 13.92 -18.49 23.06
N MET B 188 14.45 -19.34 22.19
CA MET B 188 15.83 -19.12 21.73
C MET B 188 15.95 -17.74 21.05
N ALA B 189 15.01 -17.45 20.14
CA ALA B 189 15.02 -16.19 19.39
C ALA B 189 14.91 -14.98 20.31
N ASP B 190 13.96 -15.08 21.23
CA ASP B 190 13.68 -14.01 22.19
C ASP B 190 14.86 -13.69 23.12
N LYS B 191 15.49 -14.74 23.64
CA LYS B 191 16.61 -14.51 24.54
C LYS B 191 17.85 -13.98 23.82
N ALA B 192 18.06 -14.44 22.59
CA ALA B 192 19.25 -14.04 21.85
C ALA B 192 19.20 -12.67 21.22
N LYS B 193 18.06 -12.31 20.64
CA LYS B 193 17.91 -11.05 19.92
C LYS B 193 19.15 -10.77 19.09
N SER B 194 19.47 -11.72 18.22
CA SER B 194 20.61 -11.59 17.33
C SER B 194 20.55 -12.60 16.20
N ASP B 195 21.07 -12.20 15.03
CA ASP B 195 21.14 -13.10 13.88
C ASP B 195 22.61 -13.41 13.62
N ALA B 196 23.49 -13.07 14.56
CA ALA B 196 24.93 -13.29 14.42
C ALA B 196 25.36 -14.69 14.00
N GLY B 197 24.64 -15.73 14.45
CA GLY B 197 25.00 -17.09 14.07
C GLY B 197 24.32 -17.60 12.79
N TYR B 198 23.42 -16.79 12.23
CA TYR B 198 22.68 -17.15 11.01
C TYR B 198 23.55 -16.70 9.84
N THR B 199 24.45 -17.59 9.43
CA THR B 199 25.40 -17.23 8.39
C THR B 199 25.43 -18.02 7.10
N ALA B 200 24.98 -19.26 7.13
CA ALA B 200 25.05 -20.09 5.93
C ALA B 200 24.18 -19.60 4.79
N ALA B 201 23.20 -18.74 5.07
CA ALA B 201 22.34 -18.20 4.03
C ALA B 201 22.76 -16.80 3.56
N SER B 202 23.92 -16.32 4.01
CA SER B 202 24.37 -15.00 3.63
C SER B 202 24.44 -14.83 2.11
N GLY B 203 23.79 -13.80 1.59
CA GLY B 203 23.79 -13.55 0.17
C GLY B 203 22.60 -14.17 -0.55
N TYR B 204 21.95 -15.10 0.13
CA TYR B 204 20.78 -15.79 -0.42
C TYR B 204 19.56 -15.28 0.35
N TYR B 205 19.60 -15.45 1.67
CA TYR B 205 18.52 -15.03 2.54
C TYR B 205 19.03 -14.37 3.80
N SER B 206 19.94 -13.41 3.61
CA SER B 206 20.44 -12.66 4.76
C SER B 206 19.25 -12.01 5.46
N SER B 207 19.29 -11.98 6.79
CA SER B 207 18.21 -11.38 7.56
C SER B 207 18.55 -9.93 7.87
N SER B 208 17.63 -9.03 7.59
CA SER B 208 17.89 -7.63 7.92
C SER B 208 17.06 -7.21 9.14
N SER B 209 16.37 -8.15 9.75
CA SER B 209 15.51 -7.82 10.89
C SER B 209 15.02 -9.05 11.61
N PHE B 210 14.87 -8.97 12.93
CA PHE B 210 14.33 -10.10 13.70
C PHE B 210 13.24 -9.68 14.69
N TYR B 211 13.14 -8.38 14.99
CA TYR B 211 12.09 -7.95 15.91
C TYR B 211 10.73 -8.17 15.28
N ASP B 212 10.66 -8.07 13.95
CA ASP B 212 9.41 -8.33 13.24
C ASP B 212 9.06 -9.82 13.39
N ASP B 213 10.05 -10.67 13.20
CA ASP B 213 9.82 -12.10 13.35
C ASP B 213 9.39 -12.44 14.77
N LEU B 214 9.99 -11.78 15.77
CA LEU B 214 9.63 -12.01 17.15
C LEU B 214 8.13 -11.70 17.38
N SER B 215 7.65 -10.57 16.86
CA SER B 215 6.23 -10.22 17.03
C SER B 215 5.33 -11.23 16.31
N TRP B 216 5.72 -11.57 15.07
CA TRP B 216 4.96 -12.51 14.23
C TRP B 216 4.85 -13.85 14.96
N ALA B 217 5.98 -14.36 15.46
CA ALA B 217 5.97 -15.61 16.21
C ALA B 217 5.12 -15.49 17.47
N ALA B 218 5.30 -14.41 18.21
CA ALA B 218 4.54 -14.20 19.44
C ALA B 218 3.03 -14.17 19.18
N VAL B 219 2.63 -13.50 18.10
CA VAL B 219 1.22 -13.45 17.76
C VAL B 219 0.70 -14.84 17.48
N TRP B 220 1.44 -15.61 16.70
CA TRP B 220 0.97 -16.96 16.43
C TRP B 220 0.97 -17.87 17.65
N LEU B 221 1.93 -17.69 18.56
CA LEU B 221 1.94 -18.49 19.78
C LEU B 221 0.73 -18.13 20.63
N TYR B 222 0.36 -16.86 20.60
CA TYR B 222 -0.82 -16.42 21.35
C TYR B 222 -2.06 -17.12 20.79
N LEU B 223 -2.20 -17.15 19.47
CA LEU B 223 -3.36 -17.77 18.82
C LEU B 223 -3.37 -19.29 19.07
N ALA B 224 -2.20 -19.89 19.14
CA ALA B 224 -2.08 -21.32 19.35
C ALA B 224 -2.31 -21.73 20.80
N THR B 225 -1.91 -20.86 21.73
CA THR B 225 -1.98 -21.21 23.14
C THR B 225 -3.05 -20.50 23.96
N ASN B 226 -3.54 -19.38 23.44
CA ASN B 226 -4.53 -18.55 24.11
C ASN B 226 -3.92 -17.98 25.38
N ASP B 227 -2.60 -17.92 25.41
CA ASP B 227 -1.88 -17.38 26.57
C ASP B 227 -1.49 -15.95 26.23
N SER B 228 -2.16 -14.97 26.85
CA SER B 228 -1.91 -13.56 26.57
C SER B 228 -0.48 -13.15 26.88
N THR B 229 0.26 -13.99 27.58
CA THR B 229 1.67 -13.72 27.83
C THR B 229 2.31 -13.41 26.47
N TYR B 230 1.96 -14.19 25.44
CA TYR B 230 2.53 -13.96 24.11
C TYR B 230 2.05 -12.71 23.41
N LEU B 231 0.81 -12.29 23.70
CA LEU B 231 0.31 -11.07 23.08
C LEU B 231 1.14 -9.88 23.60
N ASP B 232 1.45 -9.87 24.90
CA ASP B 232 2.26 -8.81 25.49
C ASP B 232 3.63 -8.81 24.83
N LYS B 233 4.24 -9.98 24.67
CA LYS B 233 5.55 -10.05 24.04
C LYS B 233 5.48 -9.49 22.63
N ALA B 234 4.46 -9.89 21.87
CA ALA B 234 4.34 -9.42 20.49
C ALA B 234 4.31 -7.89 20.42
N GLU B 235 3.55 -7.29 21.32
CA GLU B 235 3.45 -5.84 21.33
C GLU B 235 4.72 -5.17 21.81
N SER B 236 5.46 -5.84 22.68
CA SER B 236 6.69 -5.26 23.25
C SER B 236 7.80 -4.99 22.24
N TYR B 237 7.83 -5.74 21.13
CA TYR B 237 8.86 -5.56 20.11
C TYR B 237 8.61 -4.43 19.13
N VAL B 238 7.36 -3.99 19.05
CA VAL B 238 6.99 -2.96 18.08
C VAL B 238 7.89 -1.72 18.01
N PRO B 239 8.34 -1.18 19.15
CA PRO B 239 9.21 0.01 19.13
C PRO B 239 10.54 -0.28 18.41
N ASN B 240 10.89 -1.56 18.32
CA ASN B 240 12.11 -1.97 17.67
C ASN B 240 11.94 -2.41 16.22
N TRP B 241 10.72 -2.33 15.69
CA TRP B 241 10.53 -2.68 14.30
C TRP B 241 11.17 -1.58 13.46
N GLY B 242 11.47 -1.88 12.21
CA GLY B 242 12.04 -0.88 11.34
C GLY B 242 11.09 0.31 11.20
N LYS B 243 11.70 1.49 11.09
CA LYS B 243 10.96 2.74 10.94
C LYS B 243 11.09 3.27 9.52
N GLU B 244 10.18 4.14 9.16
CA GLU B 244 10.28 4.83 7.90
C GLU B 244 11.38 5.86 8.11
N GLN B 245 12.58 5.48 7.73
CA GLN B 245 13.80 6.25 7.95
C GLN B 245 14.08 6.60 9.42
N GLN B 246 14.12 7.87 9.81
CA GLN B 246 14.40 8.17 11.22
C GLN B 246 13.23 8.78 11.95
N THR B 247 12.04 8.56 11.39
CA THR B 247 10.81 9.08 11.97
C THR B 247 10.39 8.11 13.07
N ASP B 248 9.32 8.43 13.76
CA ASP B 248 8.84 7.55 14.81
C ASP B 248 7.82 6.63 14.18
N ILE B 249 7.67 6.71 12.86
CA ILE B 249 6.67 5.90 12.14
C ILE B 249 7.13 4.52 11.69
N ILE B 250 6.34 3.52 12.06
CA ILE B 250 6.63 2.14 11.69
C ILE B 250 6.74 2.06 10.17
N ALA B 251 7.75 1.34 9.68
CA ALA B 251 7.95 1.23 8.23
C ALA B 251 6.66 0.81 7.53
N TYR B 252 6.38 1.43 6.39
CA TYR B 252 5.18 1.08 5.65
C TYR B 252 5.39 1.04 4.15
N LYS B 253 6.61 1.32 3.69
CA LYS B 253 6.86 1.36 2.26
C LYS B 253 7.36 0.09 1.58
N TRP B 254 7.36 -1.01 2.33
CA TRP B 254 7.77 -2.27 1.73
C TRP B 254 6.52 -3.15 1.77
N GLY B 255 6.70 -4.46 1.97
CA GLY B 255 5.56 -5.33 2.03
C GLY B 255 5.92 -6.62 2.72
N GLN B 256 4.90 -7.37 3.12
CA GLN B 256 5.08 -8.65 3.80
C GLN B 256 5.94 -9.55 2.91
N CYS B 257 7.00 -10.10 3.48
CA CYS B 257 7.88 -11.02 2.78
C CYS B 257 8.72 -11.82 3.79
N TRP B 258 9.49 -12.78 3.29
CA TRP B 258 10.28 -13.62 4.18
C TRP B 258 11.21 -12.84 5.10
N ASP B 259 11.64 -11.65 4.66
CA ASP B 259 12.60 -10.84 5.45
C ASP B 259 11.91 -9.83 6.34
N ASP B 260 10.65 -9.57 6.06
CA ASP B 260 9.90 -8.57 6.81
C ASP B 260 8.46 -9.00 7.02
N VAL B 261 8.19 -9.47 8.23
CA VAL B 261 6.84 -9.93 8.54
C VAL B 261 6.11 -8.99 9.50
N HIS B 262 6.58 -7.77 9.69
CA HIS B 262 5.83 -6.90 10.62
C HIS B 262 4.49 -6.46 10.06
N TYR B 263 4.33 -6.53 8.74
CA TYR B 263 3.09 -6.16 8.09
C TYR B 263 2.02 -7.17 8.52
N GLY B 264 2.35 -8.44 8.45
CA GLY B 264 1.40 -9.46 8.87
C GLY B 264 1.18 -9.38 10.36
N ALA B 265 2.25 -9.17 11.12
CA ALA B 265 2.14 -9.09 12.58
C ALA B 265 1.21 -7.94 13.01
N GLU B 266 1.39 -6.76 12.43
CA GLU B 266 0.58 -5.60 12.79
C GLU B 266 -0.87 -5.76 12.31
N LEU B 267 -1.07 -6.47 11.21
CA LEU B 267 -2.42 -6.68 10.71
C LEU B 267 -3.14 -7.54 11.77
N LEU B 268 -2.51 -8.64 12.17
CA LEU B 268 -3.10 -9.50 13.18
C LEU B 268 -3.24 -8.78 14.52
N LEU B 269 -2.24 -8.00 14.91
CA LEU B 269 -2.36 -7.27 16.18
C LEU B 269 -3.52 -6.27 16.15
N ALA B 270 -3.83 -5.71 14.98
CA ALA B 270 -4.95 -4.78 14.86
C ALA B 270 -6.23 -5.58 15.11
N LYS B 271 -6.35 -6.73 14.47
CA LYS B 271 -7.56 -7.55 14.66
C LYS B 271 -7.68 -8.08 16.10
N LEU B 272 -6.55 -8.41 16.72
CA LEU B 272 -6.58 -8.99 18.06
C LEU B 272 -6.70 -8.02 19.23
N THR B 273 -6.31 -6.77 19.01
CA THR B 273 -6.36 -5.80 20.09
C THR B 273 -7.22 -4.59 19.76
N ASN B 274 -7.46 -4.37 18.47
CA ASN B 274 -8.20 -3.21 17.97
C ASN B 274 -7.53 -1.90 18.36
N LYS B 275 -6.23 -1.95 18.64
CA LYS B 275 -5.50 -0.75 18.99
C LYS B 275 -5.24 0.07 17.74
N GLN B 276 -5.43 1.38 17.87
CA GLN B 276 -5.27 2.30 16.76
C GLN B 276 -3.89 2.24 16.11
N LEU B 277 -2.85 2.11 16.91
CA LEU B 277 -1.50 2.05 16.38
C LEU B 277 -1.38 1.03 15.25
N TYR B 278 -1.89 -0.17 15.50
CA TYR B 278 -1.79 -1.23 14.50
C TYR B 278 -2.67 -0.98 13.30
N LYS B 279 -3.89 -0.49 13.55
CA LYS B 279 -4.80 -0.17 12.47
C LYS B 279 -4.16 0.90 11.59
N ASP B 280 -3.61 1.94 12.19
CA ASP B 280 -2.98 3.00 11.38
C ASP B 280 -1.79 2.47 10.59
N SER B 281 -0.98 1.63 11.22
CA SER B 281 0.21 1.11 10.56
C SER B 281 -0.11 0.25 9.33
N ILE B 282 -0.99 -0.74 9.48
CA ILE B 282 -1.32 -1.57 8.32
C ILE B 282 -2.04 -0.77 7.23
N GLU B 283 -2.90 0.18 7.62
CA GLU B 283 -3.57 0.97 6.59
C GLU B 283 -2.58 1.89 5.88
N MET B 284 -1.54 2.34 6.57
CA MET B 284 -0.54 3.20 5.91
C MET B 284 0.15 2.35 4.82
N ASN B 285 0.44 1.10 5.14
CA ASN B 285 1.07 0.20 4.16
C ASN B 285 0.10 -0.09 3.01
N LEU B 286 -1.11 -0.51 3.33
CA LEU B 286 -2.09 -0.83 2.28
C LEU B 286 -2.45 0.41 1.44
N ASP B 287 -2.49 1.57 2.09
CA ASP B 287 -2.78 2.80 1.37
C ASP B 287 -1.60 3.11 0.44
N PHE B 288 -0.38 2.96 0.93
CA PHE B 288 0.81 3.20 0.12
C PHE B 288 0.74 2.34 -1.15
N TRP B 289 0.20 1.14 -1.01
CA TRP B 289 0.08 0.19 -2.13
C TRP B 289 -1.11 0.39 -3.03
N THR B 290 -2.04 1.24 -2.60
CA THR B 290 -3.24 1.46 -3.39
C THR B 290 -3.43 2.92 -3.82
N THR B 291 -3.94 3.73 -2.90
CA THR B 291 -4.20 5.14 -3.20
C THR B 291 -2.98 6.05 -3.01
N GLY B 292 -2.01 5.60 -2.22
CA GLY B 292 -0.84 6.39 -1.92
C GLY B 292 -1.05 6.99 -0.53
N VAL B 293 0.02 7.38 0.15
CA VAL B 293 -0.11 7.95 1.50
C VAL B 293 0.91 9.06 1.73
N ASN B 294 0.49 10.14 2.40
CA ASN B 294 1.39 11.25 2.66
C ASN B 294 2.19 11.59 1.41
N GLY B 295 1.50 11.71 0.28
CA GLY B 295 2.13 12.03 -0.99
C GLY B 295 3.05 10.97 -1.56
N THR B 296 3.01 9.75 -1.02
CA THR B 296 3.87 8.65 -1.49
C THR B 296 3.03 7.46 -1.96
N ARG B 297 3.53 6.72 -2.96
CA ARG B 297 2.79 5.56 -3.47
C ARG B 297 3.72 4.57 -4.16
N VAL B 298 3.39 3.28 -4.08
CA VAL B 298 4.19 2.24 -4.74
C VAL B 298 4.06 2.48 -6.24
N SER B 299 5.09 2.14 -7.01
CA SER B 299 5.02 2.34 -8.46
C SER B 299 4.00 1.38 -9.05
N TYR B 300 3.41 1.78 -10.17
CA TYR B 300 2.47 0.92 -10.87
C TYR B 300 2.90 0.86 -12.33
N THR B 301 2.87 -0.35 -12.89
CA THR B 301 3.22 -0.52 -14.29
C THR B 301 2.03 -0.01 -15.09
N PRO B 302 2.25 0.32 -16.38
CA PRO B 302 1.17 0.82 -17.22
C PRO B 302 -0.04 -0.11 -17.25
N LYS B 303 0.19 -1.42 -17.17
CA LYS B 303 -0.92 -2.38 -17.20
C LYS B 303 -1.51 -2.72 -15.84
N GLY B 304 -1.10 -2.02 -14.78
CA GLY B 304 -1.82 -2.12 -13.50
C GLY B 304 -1.12 -2.94 -12.41
N LEU B 305 0.12 -3.38 -12.56
CA LEU B 305 0.79 -4.12 -11.50
C LEU B 305 1.46 -3.19 -10.50
N ALA B 306 1.13 -3.36 -9.22
CA ALA B 306 1.83 -2.62 -8.21
C ALA B 306 3.19 -3.25 -8.12
N TRP B 307 4.20 -2.48 -8.49
CA TRP B 307 5.56 -2.93 -8.65
C TRP B 307 6.50 -2.35 -7.59
N LEU B 308 6.87 -3.18 -6.62
CA LEU B 308 7.74 -2.75 -5.51
C LEU B 308 9.18 -2.55 -5.95
N PHE B 309 9.72 -3.54 -6.66
CA PHE B 309 11.07 -3.45 -7.20
C PHE B 309 11.32 -4.61 -8.16
N GLN B 310 12.49 -4.70 -8.74
CA GLN B 310 12.73 -5.63 -9.87
C GLN B 310 12.69 -7.12 -9.48
N TRP B 311 12.93 -7.52 -8.23
CA TRP B 311 12.93 -8.93 -7.85
C TRP B 311 11.60 -9.39 -7.29
N GLY B 312 11.05 -10.45 -7.88
CA GLY B 312 9.78 -10.97 -7.41
C GLY B 312 8.69 -9.93 -7.29
N SER B 313 8.47 -9.16 -8.36
CA SER B 313 7.44 -8.13 -8.33
C SER B 313 6.04 -8.74 -8.14
N LEU B 314 5.81 -9.89 -8.75
CA LEU B 314 4.50 -10.54 -8.61
C LEU B 314 4.37 -11.09 -7.19
N ARG B 315 5.47 -11.60 -6.65
CA ARG B 315 5.50 -12.09 -5.27
C ARG B 315 5.04 -10.97 -4.32
N HIS B 316 5.62 -9.78 -4.46
CA HIS B 316 5.21 -8.70 -3.59
C HIS B 316 3.78 -8.26 -3.81
N ALA B 317 3.40 -8.09 -5.08
CA ALA B 317 2.04 -7.63 -5.37
C ALA B 317 0.99 -8.61 -4.88
N THR B 318 1.18 -9.89 -5.13
CA THR B 318 0.17 -10.86 -4.70
C THR B 318 0.15 -11.08 -3.20
N THR B 319 1.27 -10.86 -2.54
CA THR B 319 1.29 -11.02 -1.08
C THR B 319 0.54 -9.84 -0.48
N GLN B 320 0.77 -8.64 -1.02
CA GLN B 320 0.05 -7.47 -0.52
C GLN B 320 -1.45 -7.65 -0.79
N ALA B 321 -1.79 -8.29 -1.91
CA ALA B 321 -3.18 -8.55 -2.27
C ALA B 321 -3.84 -9.38 -1.15
N PHE B 322 -3.12 -10.38 -0.66
CA PHE B 322 -3.62 -11.23 0.40
C PHE B 322 -3.87 -10.41 1.67
N LEU B 323 -2.89 -9.61 2.09
CA LEU B 323 -3.08 -8.81 3.30
C LEU B 323 -4.26 -7.86 3.12
N ALA B 324 -4.38 -7.25 1.94
CA ALA B 324 -5.48 -6.32 1.67
C ALA B 324 -6.81 -7.06 1.79
N GLY B 325 -6.86 -8.27 1.27
CA GLY B 325 -8.09 -9.06 1.33
C GLY B 325 -8.46 -9.42 2.75
N VAL B 326 -7.50 -9.85 3.55
CA VAL B 326 -7.78 -10.22 4.93
C VAL B 326 -8.26 -9.00 5.72
N TYR B 327 -7.50 -7.91 5.59
CA TYR B 327 -7.84 -6.70 6.34
C TYR B 327 -9.18 -6.09 5.92
N ALA B 328 -9.46 -6.10 4.63
CA ALA B 328 -10.69 -5.52 4.12
C ALA B 328 -11.92 -6.23 4.69
N GLU B 329 -11.79 -7.50 5.10
CA GLU B 329 -12.94 -8.21 5.66
C GLU B 329 -13.12 -8.02 7.15
N TRP B 330 -12.15 -7.37 7.80
CA TRP B 330 -12.24 -7.14 9.24
C TRP B 330 -13.10 -5.92 9.52
N GLU B 331 -14.01 -6.04 10.48
CA GLU B 331 -14.92 -4.95 10.84
C GLU B 331 -14.19 -3.66 11.24
N GLY B 332 -12.94 -3.79 11.68
CA GLY B 332 -12.17 -2.62 12.08
C GLY B 332 -11.57 -1.79 10.96
N CYS B 333 -11.56 -2.33 9.75
CA CYS B 333 -11.02 -1.62 8.60
C CYS B 333 -11.83 -0.34 8.33
N THR B 334 -11.15 0.76 8.05
CA THR B 334 -11.84 2.01 7.72
C THR B 334 -12.84 1.66 6.62
N PRO B 335 -14.14 1.83 6.87
CA PRO B 335 -15.15 1.48 5.88
C PRO B 335 -14.92 1.99 4.46
N SER B 336 -14.45 3.24 4.35
CA SER B 336 -14.23 3.85 3.05
C SER B 336 -13.09 3.22 2.26
N LYS B 337 -12.30 2.37 2.91
CA LYS B 337 -11.17 1.74 2.22
C LYS B 337 -11.43 0.27 1.85
N VAL B 338 -12.52 -0.28 2.34
CA VAL B 338 -12.82 -1.68 2.06
C VAL B 338 -12.87 -2.03 0.55
N SER B 339 -13.59 -1.24 -0.22
CA SER B 339 -13.70 -1.53 -1.66
C SER B 339 -12.35 -1.28 -2.34
N VAL B 340 -11.61 -0.29 -1.84
CA VAL B 340 -10.31 -0.01 -2.43
C VAL B 340 -9.41 -1.24 -2.26
N TYR B 341 -9.35 -1.76 -1.03
CA TYR B 341 -8.52 -2.93 -0.76
C TYR B 341 -9.00 -4.17 -1.51
N LYS B 342 -10.31 -4.37 -1.60
CA LYS B 342 -10.82 -5.54 -2.32
C LYS B 342 -10.56 -5.43 -3.81
N ASP B 343 -10.66 -4.22 -4.35
CA ASP B 343 -10.41 -4.06 -5.77
C ASP B 343 -8.94 -4.35 -6.06
N PHE B 344 -8.08 -3.98 -5.12
CA PHE B 344 -6.63 -4.19 -5.23
C PHE B 344 -6.32 -5.69 -5.19
N LEU B 345 -6.93 -6.40 -4.25
CA LEU B 345 -6.74 -7.86 -4.17
C LEU B 345 -7.06 -8.46 -5.55
N LYS B 346 -8.17 -8.06 -6.14
N LYS B 346 -8.18 -8.07 -6.14
CA LYS B 346 -8.54 -8.61 -7.44
CA LYS B 346 -8.54 -8.63 -7.44
C LYS B 346 -7.65 -8.15 -8.59
C LYS B 346 -7.65 -8.15 -8.59
N SER B 347 -7.34 -6.87 -8.64
CA SER B 347 -6.52 -6.37 -9.75
C SER B 347 -5.15 -7.02 -9.80
N GLN B 348 -4.51 -7.15 -8.65
CA GLN B 348 -3.17 -7.76 -8.60
C GLN B 348 -3.20 -9.26 -8.92
N ILE B 349 -4.18 -9.97 -8.36
CA ILE B 349 -4.31 -11.39 -8.66
C ILE B 349 -4.64 -11.60 -10.13
N ASP B 350 -5.57 -10.79 -10.66
CA ASP B 350 -5.91 -10.92 -12.07
C ASP B 350 -4.68 -10.60 -12.95
N TYR B 351 -3.79 -9.70 -12.51
CA TYR B 351 -2.58 -9.42 -13.31
C TYR B 351 -1.73 -10.70 -13.38
N ALA B 352 -1.57 -11.37 -12.24
CA ALA B 352 -0.80 -12.59 -12.21
C ALA B 352 -1.43 -13.69 -13.06
N LEU B 353 -2.76 -13.75 -13.04
CA LEU B 353 -3.49 -14.78 -13.75
C LEU B 353 -3.78 -14.59 -15.23
N GLY B 354 -3.80 -13.35 -15.71
CA GLY B 354 -4.04 -13.19 -17.13
C GLY B 354 -4.57 -11.87 -17.66
N SER B 355 -4.72 -10.85 -16.82
CA SER B 355 -5.27 -9.59 -17.31
C SER B 355 -4.45 -8.90 -18.42
N THR B 356 -3.16 -9.21 -18.53
CA THR B 356 -2.38 -8.58 -19.61
C THR B 356 -2.49 -9.40 -20.90
N GLY B 357 -3.19 -10.53 -20.83
CA GLY B 357 -3.36 -11.37 -22.01
C GLY B 357 -2.58 -12.66 -21.91
N ARG B 358 -1.84 -12.82 -20.82
CA ARG B 358 -1.08 -14.05 -20.59
C ARG B 358 -0.93 -14.25 -19.09
N SER B 359 -0.80 -15.52 -18.72
CA SER B 359 -0.65 -15.94 -17.34
C SER B 359 0.81 -15.96 -16.92
N PHE B 360 1.06 -15.64 -15.65
CA PHE B 360 2.41 -15.68 -15.09
C PHE B 360 2.54 -16.88 -14.14
N VAL B 361 1.55 -17.77 -14.21
CA VAL B 361 1.48 -18.96 -13.38
C VAL B 361 1.74 -20.18 -14.27
N VAL B 362 2.82 -20.90 -14.00
CA VAL B 362 3.17 -22.07 -14.78
C VAL B 362 2.01 -23.09 -14.83
N GLY B 363 1.75 -23.62 -16.02
CA GLY B 363 0.71 -24.62 -16.16
C GLY B 363 -0.70 -24.15 -15.95
N TYR B 364 -0.90 -22.83 -16.06
CA TYR B 364 -2.20 -22.25 -15.87
C TYR B 364 -2.54 -21.14 -16.87
N GLY B 365 -3.78 -21.14 -17.33
CA GLY B 365 -4.23 -20.07 -18.18
C GLY B 365 -3.68 -19.94 -19.58
N VAL B 366 -3.69 -18.70 -20.07
CA VAL B 366 -3.25 -18.41 -21.41
C VAL B 366 -1.76 -18.13 -21.53
N ASN B 367 -1.09 -18.86 -22.41
CA ASN B 367 0.33 -18.63 -22.69
C ASN B 367 1.14 -18.51 -21.41
N PRO B 368 1.06 -19.52 -20.53
CA PRO B 368 1.83 -19.43 -19.29
C PRO B 368 3.33 -19.56 -19.53
N PRO B 369 4.15 -19.22 -18.51
CA PRO B 369 5.60 -19.31 -18.65
C PRO B 369 6.02 -20.76 -18.94
N GLN B 370 6.91 -20.92 -19.91
CA GLN B 370 7.39 -22.22 -20.35
C GLN B 370 8.78 -22.56 -19.87
N HIS B 371 9.53 -21.56 -19.42
CA HIS B 371 10.91 -21.77 -19.01
C HIS B 371 11.26 -21.21 -17.63
N PRO B 372 10.48 -21.55 -16.61
CA PRO B 372 10.82 -21.01 -15.26
C PRO B 372 12.21 -21.53 -14.85
N HIS B 373 12.94 -20.70 -14.11
CA HIS B 373 14.29 -21.10 -13.68
C HIS B 373 14.17 -22.18 -12.61
N HIS B 374 14.22 -23.44 -13.03
CA HIS B 374 14.03 -24.56 -12.11
C HIS B 374 14.74 -25.80 -12.62
N ARG B 375 15.68 -26.33 -11.82
CA ARG B 375 16.45 -27.52 -12.21
C ARG B 375 15.64 -28.76 -12.48
N THR B 376 14.82 -29.16 -11.51
CA THR B 376 14.10 -30.41 -11.67
C THR B 376 13.01 -30.35 -12.70
N ALA B 377 12.31 -29.24 -12.79
CA ALA B 377 11.26 -29.10 -13.79
C ALA B 377 11.86 -29.08 -15.19
N HIS B 378 13.02 -28.44 -15.35
CA HIS B 378 13.68 -28.40 -16.66
C HIS B 378 14.08 -29.83 -17.02
N GLY B 379 14.82 -30.46 -16.10
CA GLY B 379 15.21 -31.83 -16.32
C GLY B 379 16.35 -32.08 -17.26
N SER B 380 17.44 -31.33 -17.11
CA SER B 380 18.60 -31.59 -17.97
C SER B 380 19.26 -32.89 -17.51
N TRP B 381 19.77 -33.71 -18.44
CA TRP B 381 20.50 -34.91 -18.02
C TRP B 381 21.99 -34.72 -18.31
N THR B 382 22.39 -33.52 -18.74
CA THR B 382 23.79 -33.28 -19.09
C THR B 382 24.40 -32.07 -18.39
N ASP B 383 23.81 -31.69 -17.26
CA ASP B 383 24.32 -30.53 -16.52
C ASP B 383 24.43 -29.31 -17.46
N GLN B 384 23.33 -29.00 -18.15
CA GLN B 384 23.26 -27.87 -19.06
C GLN B 384 21.92 -27.18 -18.95
N MET B 385 21.96 -25.88 -18.77
CA MET B 385 20.70 -25.11 -18.70
C MET B 385 20.03 -25.07 -20.07
N THR B 386 20.82 -25.25 -21.11
CA THR B 386 20.37 -25.14 -22.49
C THR B 386 19.91 -26.42 -23.14
N SER B 387 20.02 -27.54 -22.41
CA SER B 387 19.63 -28.82 -22.97
C SER B 387 18.91 -29.68 -21.94
N PRO B 388 17.69 -30.13 -22.25
CA PRO B 388 16.98 -29.88 -23.52
C PRO B 388 16.59 -28.42 -23.65
N THR B 389 16.15 -28.02 -24.86
CA THR B 389 15.75 -26.64 -25.11
C THR B 389 14.34 -26.29 -24.60
N TYR B 390 13.70 -27.24 -23.94
CA TYR B 390 12.38 -27.03 -23.36
C TYR B 390 12.37 -27.71 -21.99
N HIS B 391 11.36 -27.39 -21.18
CA HIS B 391 11.22 -28.01 -19.89
C HIS B 391 10.52 -29.35 -20.03
N ARG B 392 11.11 -30.38 -19.47
CA ARG B 392 10.47 -31.68 -19.59
C ARG B 392 9.25 -31.83 -18.69
N HIS B 393 9.14 -30.99 -17.66
CA HIS B 393 8.00 -31.07 -16.74
C HIS B 393 7.30 -29.74 -16.57
N THR B 394 6.02 -29.81 -16.23
CA THR B 394 5.20 -28.63 -15.97
C THR B 394 5.06 -28.48 -14.44
N ILE B 395 5.73 -27.48 -13.87
CA ILE B 395 5.65 -27.30 -12.43
C ILE B 395 4.45 -26.40 -12.14
N TYR B 396 3.28 -27.04 -12.21
CA TYR B 396 2.01 -26.36 -12.02
C TYR B 396 1.94 -25.42 -10.85
N GLY B 397 1.33 -24.26 -11.09
CA GLY B 397 1.10 -23.29 -10.03
C GLY B 397 2.20 -22.32 -9.69
N ALA B 398 3.43 -22.57 -10.13
CA ALA B 398 4.54 -21.67 -9.78
C ALA B 398 4.34 -20.27 -10.32
N LEU B 399 4.43 -19.27 -9.44
CA LEU B 399 4.29 -17.87 -9.86
C LEU B 399 5.69 -17.34 -10.15
N VAL B 400 5.94 -16.93 -11.39
CA VAL B 400 7.27 -16.41 -11.74
C VAL B 400 7.51 -15.04 -11.13
N GLY B 401 8.77 -14.64 -11.10
CA GLY B 401 9.16 -13.36 -10.52
C GLY B 401 8.31 -12.22 -11.02
N GLY B 402 8.16 -12.10 -12.33
CA GLY B 402 7.34 -11.03 -12.84
C GLY B 402 8.06 -10.12 -13.79
N PRO B 403 7.32 -9.18 -14.39
CA PRO B 403 7.82 -8.20 -15.35
C PRO B 403 8.60 -7.05 -14.75
N ASP B 404 9.20 -6.25 -15.62
CA ASP B 404 9.92 -5.08 -15.15
C ASP B 404 8.85 -4.01 -14.92
N ASN B 405 9.25 -2.79 -14.58
CA ASN B 405 8.26 -1.76 -14.27
C ASN B 405 7.44 -1.25 -15.45
N ALA B 406 7.77 -1.73 -16.64
CA ALA B 406 7.07 -1.33 -17.85
C ALA B 406 6.32 -2.53 -18.41
N ASP B 407 6.07 -3.53 -17.56
CA ASP B 407 5.37 -4.77 -17.95
C ASP B 407 6.18 -5.64 -18.90
N GLY B 408 7.46 -5.32 -19.02
CA GLY B 408 8.31 -6.11 -19.89
C GLY B 408 8.62 -7.45 -19.24
N TYR B 409 8.56 -8.51 -20.02
CA TYR B 409 8.81 -9.84 -19.47
C TYR B 409 9.33 -10.76 -20.56
N THR B 410 10.39 -11.50 -20.26
CA THR B 410 10.96 -12.44 -21.22
C THR B 410 11.03 -13.81 -20.56
N ASP B 411 10.41 -14.78 -21.21
CA ASP B 411 10.34 -16.16 -20.72
C ASP B 411 11.56 -16.96 -21.19
N GLU B 412 12.63 -16.91 -20.39
CA GLU B 412 13.85 -17.65 -20.69
C GLU B 412 14.31 -18.29 -19.39
N ILE B 413 14.93 -19.47 -19.51
CA ILE B 413 15.36 -20.22 -18.35
C ILE B 413 16.40 -19.50 -17.50
N ASN B 414 17.26 -18.69 -18.10
CA ASN B 414 18.21 -17.99 -17.26
C ASN B 414 17.91 -16.53 -17.04
N ASN B 415 16.63 -16.20 -17.04
CA ASN B 415 16.21 -14.85 -16.76
C ASN B 415 15.62 -14.97 -15.35
N TYR B 416 16.47 -14.83 -14.33
CA TYR B 416 15.99 -14.95 -12.96
C TYR B 416 15.10 -13.77 -12.53
N VAL B 417 15.44 -12.56 -12.93
CA VAL B 417 14.60 -11.42 -12.57
C VAL B 417 13.14 -11.62 -13.02
N ASN B 418 12.95 -12.15 -14.21
CA ASN B 418 11.59 -12.33 -14.70
C ASN B 418 11.07 -13.72 -14.37
N ASN B 419 11.99 -14.73 -14.44
CA ASN B 419 11.49 -16.11 -14.42
C ASN B 419 11.94 -16.97 -13.22
N GLU B 420 12.42 -16.46 -12.10
CA GLU B 420 12.68 -17.39 -11.01
C GLU B 420 11.33 -17.74 -10.37
N ILE B 421 11.30 -18.88 -9.69
CA ILE B 421 10.10 -19.31 -8.97
C ILE B 421 10.63 -19.75 -7.61
N ALA B 422 9.84 -19.60 -6.56
CA ALA B 422 10.32 -19.93 -5.23
C ALA B 422 9.18 -20.07 -4.24
N CYS B 423 9.44 -20.80 -3.15
CA CYS B 423 8.42 -20.99 -2.14
C CYS B 423 7.76 -19.69 -1.71
N ASP B 424 8.57 -18.70 -1.35
CA ASP B 424 8.00 -17.45 -0.86
C ASP B 424 7.15 -16.70 -1.90
N TYR B 425 7.47 -16.89 -3.17
CA TYR B 425 6.74 -16.24 -4.24
C TYR B 425 5.29 -16.72 -4.27
N ASN B 426 5.08 -18.00 -3.95
CA ASN B 426 3.71 -18.54 -3.97
C ASN B 426 2.95 -18.51 -2.66
N ALA B 427 3.61 -18.15 -1.56
CA ALA B 427 2.98 -18.17 -0.25
C ALA B 427 1.79 -17.23 -0.10
N GLY B 428 2.05 -15.92 -0.18
CA GLY B 428 0.96 -14.95 -0.10
C GLY B 428 -0.02 -15.12 -1.23
N PHE B 429 0.51 -15.45 -2.41
CA PHE B 429 -0.29 -15.67 -3.60
C PHE B 429 -1.40 -16.70 -3.30
N THR B 430 -1.03 -17.80 -2.66
CA THR B 430 -2.01 -18.85 -2.35
C THR B 430 -3.12 -18.28 -1.48
N GLY B 431 -2.73 -17.45 -0.51
CA GLY B 431 -3.71 -16.84 0.36
C GLY B 431 -4.65 -15.91 -0.39
N ALA B 432 -4.07 -15.12 -1.30
CA ALA B 432 -4.87 -14.19 -2.09
C ALA B 432 -5.83 -14.96 -3.01
N LEU B 433 -5.36 -16.08 -3.56
CA LEU B 433 -6.21 -16.87 -4.45
C LEU B 433 -7.37 -17.47 -3.67
N ALA B 434 -7.12 -17.92 -2.44
CA ALA B 434 -8.20 -18.49 -1.65
C ALA B 434 -9.24 -17.40 -1.39
N LYS B 435 -8.80 -16.16 -1.18
CA LYS B 435 -9.74 -15.06 -0.96
C LYS B 435 -10.55 -14.78 -2.22
N MET B 436 -9.88 -14.74 -3.37
CA MET B 436 -10.61 -14.47 -4.62
C MET B 436 -11.55 -15.61 -4.95
N TYR B 437 -11.16 -16.84 -4.64
CA TYR B 437 -12.06 -17.98 -4.89
C TYR B 437 -13.29 -17.82 -4.00
N LYS B 438 -13.08 -17.44 -2.75
CA LYS B 438 -14.21 -17.23 -1.82
C LYS B 438 -15.14 -16.17 -2.42
N HIS B 439 -14.55 -15.13 -2.99
CA HIS B 439 -15.31 -14.03 -3.56
C HIS B 439 -15.95 -14.30 -4.91
N SER B 440 -15.22 -14.95 -5.80
CA SER B 440 -15.69 -15.12 -7.16
C SER B 440 -15.69 -16.51 -7.78
N GLY B 441 -15.28 -17.51 -7.01
CA GLY B 441 -15.30 -18.85 -7.53
C GLY B 441 -14.30 -19.21 -8.62
N GLY B 442 -14.72 -20.13 -9.44
CA GLY B 442 -13.89 -20.75 -10.45
C GLY B 442 -13.57 -22.13 -9.96
N ASP B 443 -14.07 -23.15 -10.63
CA ASP B 443 -13.90 -24.51 -10.14
C ASP B 443 -12.57 -25.18 -10.41
N PRO B 444 -11.98 -25.78 -9.36
CA PRO B 444 -10.71 -26.48 -9.54
C PRO B 444 -10.99 -27.71 -10.40
N ILE B 445 -9.94 -28.28 -10.97
CA ILE B 445 -10.09 -29.49 -11.78
C ILE B 445 -10.25 -30.63 -10.79
N PRO B 446 -11.34 -31.43 -10.90
CA PRO B 446 -11.49 -32.52 -9.93
C PRO B 446 -10.40 -33.59 -10.00
N ASN B 447 -9.93 -34.01 -8.83
CA ASN B 447 -8.89 -35.02 -8.68
C ASN B 447 -7.73 -34.74 -9.64
N PHE B 448 -7.26 -33.51 -9.64
CA PHE B 448 -6.19 -33.10 -10.53
C PHE B 448 -4.87 -33.74 -10.13
N LYS B 449 -4.18 -34.26 -11.13
CA LYS B 449 -2.90 -34.89 -10.91
C LYS B 449 -1.92 -34.41 -11.97
N ALA B 450 -0.63 -34.63 -11.73
CA ALA B 450 0.37 -34.23 -12.70
C ALA B 450 1.11 -35.48 -13.17
N ILE B 451 0.34 -36.43 -13.70
CA ILE B 451 0.94 -37.65 -14.25
C ILE B 451 1.19 -37.34 -15.73
N GLU B 452 2.43 -37.01 -16.03
CA GLU B 452 2.84 -36.63 -17.35
C GLU B 452 3.13 -37.76 -18.30
N LYS B 453 2.91 -37.46 -19.58
CA LYS B 453 3.24 -38.42 -20.62
C LYS B 453 4.77 -38.32 -20.71
N ILE B 454 5.43 -39.46 -20.89
CA ILE B 454 6.88 -39.46 -21.03
C ILE B 454 7.14 -38.97 -22.45
N THR B 455 7.85 -37.85 -22.59
CA THR B 455 8.09 -37.26 -23.89
C THR B 455 9.42 -37.51 -24.57
N ASN B 456 10.32 -38.24 -23.92
CA ASN B 456 11.55 -38.66 -24.56
C ASN B 456 11.84 -40.04 -24.01
N ASP B 457 12.38 -40.92 -24.84
CA ASP B 457 12.73 -42.25 -24.38
C ASP B 457 13.72 -42.05 -23.24
N GLU B 458 13.46 -42.66 -22.09
CA GLU B 458 14.29 -42.46 -20.88
C GLU B 458 15.66 -43.08 -20.86
N VAL B 459 15.84 -44.19 -21.57
CA VAL B 459 17.14 -44.81 -21.65
C VAL B 459 17.24 -45.21 -23.12
N ILE B 460 18.25 -44.71 -23.80
CA ILE B 460 18.40 -45.05 -25.21
C ILE B 460 19.79 -45.55 -25.50
N ILE B 461 19.97 -45.96 -26.76
CA ILE B 461 21.25 -46.41 -27.22
C ILE B 461 21.46 -45.85 -28.62
N LYS B 462 22.69 -45.41 -28.87
CA LYS B 462 23.11 -44.90 -30.16
C LYS B 462 24.25 -45.82 -30.60
N ALA B 463 24.32 -46.08 -31.88
CA ALA B 463 25.39 -46.96 -32.35
C ALA B 463 25.91 -46.59 -33.73
N GLY B 464 27.06 -47.15 -34.07
CA GLY B 464 27.67 -46.90 -35.37
C GLY B 464 28.69 -47.98 -35.61
N LEU B 465 29.09 -48.15 -36.86
CA LEU B 465 30.09 -49.16 -37.23
C LEU B 465 31.45 -48.56 -36.88
N ASN B 466 32.21 -49.21 -36.02
CA ASN B 466 33.51 -48.65 -35.66
C ASN B 466 34.65 -49.21 -36.52
N SER B 467 34.56 -50.49 -36.84
CA SER B 467 35.57 -51.13 -37.66
C SER B 467 34.93 -52.33 -38.29
N THR B 468 35.42 -52.71 -39.47
CA THR B 468 34.85 -53.85 -40.15
C THR B 468 35.99 -54.55 -40.86
N GLY B 469 35.82 -55.87 -41.06
CA GLY B 469 36.84 -56.65 -41.72
C GLY B 469 36.17 -57.88 -42.31
N PRO B 470 36.89 -58.62 -43.16
CA PRO B 470 36.36 -59.82 -43.79
C PRO B 470 35.83 -60.85 -42.79
N ASN B 471 36.31 -60.79 -41.54
CA ASN B 471 35.89 -61.72 -40.52
C ASN B 471 35.33 -61.08 -39.26
N TYR B 472 34.97 -59.80 -39.30
CA TYR B 472 34.44 -59.19 -38.08
C TYR B 472 33.66 -57.93 -38.26
N THR B 473 32.90 -57.61 -37.21
CA THR B 473 32.14 -56.37 -37.13
C THR B 473 32.47 -55.79 -35.76
N GLU B 474 32.82 -54.51 -35.71
CA GLU B 474 33.07 -53.87 -34.42
C GLU B 474 32.11 -52.69 -34.33
N ILE B 475 31.33 -52.67 -33.26
CA ILE B 475 30.31 -51.67 -33.04
C ILE B 475 30.73 -50.72 -31.94
N LYS B 476 30.46 -49.46 -32.13
CA LYS B 476 30.58 -48.45 -31.08
C LYS B 476 29.20 -48.14 -30.63
N ALA B 477 28.89 -48.40 -29.38
CA ALA B 477 27.56 -48.15 -28.88
C ALA B 477 27.67 -47.24 -27.69
N VAL B 478 26.67 -46.39 -27.51
CA VAL B 478 26.65 -45.50 -26.37
C VAL B 478 25.24 -45.51 -25.79
N VAL B 479 25.14 -45.90 -24.52
CA VAL B 479 23.88 -45.93 -23.80
C VAL B 479 23.76 -44.59 -23.07
N TYR B 480 22.55 -44.01 -23.09
CA TYR B 480 22.29 -42.71 -22.45
C TYR B 480 21.11 -42.81 -21.51
N ASN B 481 21.31 -42.33 -20.29
CA ASN B 481 20.26 -42.24 -19.28
C ASN B 481 19.70 -40.83 -19.49
N GLN B 482 18.45 -40.75 -19.97
CA GLN B 482 17.77 -39.49 -20.20
C GLN B 482 16.48 -39.56 -19.36
N THR B 483 16.60 -40.16 -18.18
CA THR B 483 15.42 -40.33 -17.32
C THR B 483 14.88 -39.02 -16.79
N GLY B 484 13.56 -38.96 -16.66
CA GLY B 484 12.92 -37.77 -16.15
C GLY B 484 11.64 -38.02 -15.36
N TRP B 485 11.13 -39.25 -15.41
CA TRP B 485 9.85 -39.59 -14.77
C TRP B 485 9.90 -40.80 -13.82
N PRO B 486 10.68 -40.72 -12.73
CA PRO B 486 11.50 -39.57 -12.34
C PRO B 486 12.94 -39.74 -12.81
N ALA B 487 13.71 -38.66 -12.71
CA ALA B 487 15.14 -38.74 -13.00
C ALA B 487 15.64 -39.77 -12.00
N ARG B 488 16.53 -40.66 -12.43
CA ARG B 488 17.00 -41.70 -11.53
C ARG B 488 18.27 -42.35 -12.03
N VAL B 489 18.98 -42.97 -11.08
CA VAL B 489 20.18 -43.71 -11.41
C VAL B 489 19.70 -44.99 -12.10
N THR B 490 20.40 -45.41 -13.14
CA THR B 490 20.04 -46.65 -13.83
C THR B 490 21.31 -47.51 -13.76
N ASP B 491 21.35 -48.38 -12.75
CA ASP B 491 22.51 -49.23 -12.49
C ASP B 491 22.27 -50.69 -12.80
N LYS B 492 21.23 -50.97 -13.59
CA LYS B 492 20.87 -52.32 -13.98
C LYS B 492 20.57 -52.37 -15.48
N ILE B 493 21.30 -51.56 -16.24
CA ILE B 493 21.10 -51.52 -17.69
C ILE B 493 21.98 -52.49 -18.46
N SER B 494 21.43 -53.08 -19.52
CA SER B 494 22.19 -53.98 -20.38
C SER B 494 21.60 -53.87 -21.77
N PHE B 495 22.33 -54.34 -22.78
CA PHE B 495 21.75 -54.32 -24.13
C PHE B 495 22.18 -55.56 -24.87
N LYS B 496 21.47 -55.86 -25.95
CA LYS B 496 21.76 -57.05 -26.74
C LYS B 496 21.94 -56.72 -28.20
N TYR B 497 22.99 -57.29 -28.80
CA TYR B 497 23.30 -57.10 -30.20
C TYR B 497 23.02 -58.46 -30.88
N PHE B 498 22.00 -58.47 -31.75
CA PHE B 498 21.56 -59.68 -32.44
C PHE B 498 22.20 -59.93 -33.80
N MET B 499 22.60 -61.18 -34.01
CA MET B 499 23.21 -61.59 -35.26
C MET B 499 22.54 -62.84 -35.79
N ASP B 500 22.60 -63.00 -37.07
CA ASP B 500 22.20 -64.24 -37.70
C ASP B 500 23.47 -64.97 -38.02
N LEU B 501 23.74 -66.10 -37.40
CA LEU B 501 25.01 -66.77 -37.63
C LEU B 501 24.85 -68.01 -38.47
N SER B 502 23.82 -68.00 -39.32
CA SER B 502 23.59 -69.12 -40.23
C SER B 502 24.85 -69.39 -41.06
N GLU B 503 25.51 -68.33 -41.53
CA GLU B 503 26.71 -68.56 -42.34
C GLU B 503 27.87 -69.20 -41.58
N ILE B 504 27.90 -68.98 -40.27
CA ILE B 504 28.96 -69.53 -39.44
C ILE B 504 28.69 -71.03 -39.25
N VAL B 505 27.44 -71.36 -38.92
CA VAL B 505 27.08 -72.76 -38.75
C VAL B 505 27.32 -73.51 -40.05
N ALA B 506 26.81 -72.95 -41.15
CA ALA B 506 26.95 -73.60 -42.46
C ALA B 506 28.42 -73.79 -42.82
N ALA B 507 29.28 -72.89 -42.38
CA ALA B 507 30.71 -72.99 -42.68
C ALA B 507 31.41 -74.05 -41.82
N GLY B 508 30.66 -74.65 -40.90
CA GLY B 508 31.20 -75.69 -40.03
C GLY B 508 31.92 -75.15 -38.82
N ILE B 509 31.51 -73.97 -38.36
CA ILE B 509 32.13 -73.35 -37.20
C ILE B 509 31.10 -73.19 -36.09
N ASP B 510 31.47 -73.55 -34.89
CA ASP B 510 30.60 -73.41 -33.73
C ASP B 510 30.24 -71.93 -33.55
N PRO B 511 28.95 -71.53 -33.63
CA PRO B 511 28.56 -70.14 -33.53
C PRO B 511 28.92 -69.61 -32.15
N LEU B 512 28.84 -70.46 -31.15
CA LEU B 512 29.10 -70.04 -29.75
C LEU B 512 30.60 -69.94 -29.46
N SER B 513 31.43 -70.22 -30.46
CA SER B 513 32.90 -70.16 -30.31
C SER B 513 33.50 -68.84 -30.77
N LEU B 514 32.70 -68.01 -31.44
CA LEU B 514 33.21 -66.75 -31.95
C LEU B 514 33.74 -65.87 -30.82
N VAL B 515 34.88 -65.25 -31.09
CA VAL B 515 35.53 -64.38 -30.12
C VAL B 515 34.90 -63.02 -30.07
N THR B 516 34.47 -62.61 -28.87
CA THR B 516 33.91 -61.28 -28.70
C THR B 516 34.95 -60.56 -27.87
N SER B 517 35.05 -59.26 -28.09
CA SER B 517 36.06 -58.47 -27.39
C SER B 517 35.61 -57.03 -27.32
N SER B 518 36.34 -56.23 -26.56
CA SER B 518 36.03 -54.82 -26.44
C SER B 518 37.34 -54.05 -26.36
N ASN B 519 37.63 -53.20 -27.33
CA ASN B 519 38.89 -52.47 -27.24
C ASN B 519 38.73 -51.18 -26.45
N TYR B 520 37.49 -50.85 -26.07
CA TYR B 520 37.26 -49.62 -25.34
C TYR B 520 35.88 -49.60 -24.71
N SER B 521 35.81 -49.15 -23.47
CA SER B 521 34.52 -49.03 -22.82
C SER B 521 34.68 -48.12 -21.62
N GLU B 522 33.58 -47.52 -21.22
CA GLU B 522 33.56 -46.68 -20.04
C GLU B 522 32.84 -47.54 -19.00
N GLY B 523 33.30 -47.47 -17.76
CA GLY B 523 32.65 -48.25 -16.73
C GLY B 523 33.46 -49.44 -16.30
N LYS B 524 33.77 -49.47 -15.01
CA LYS B 524 34.56 -50.55 -14.45
C LYS B 524 33.76 -51.86 -14.40
N ASN B 525 32.45 -51.77 -14.53
CA ASN B 525 31.63 -52.97 -14.46
C ASN B 525 31.14 -53.48 -15.81
N THR B 526 31.46 -52.76 -16.86
CA THR B 526 31.01 -53.15 -18.20
C THR B 526 31.50 -54.54 -18.61
N LYS B 527 30.57 -55.39 -19.01
CA LYS B 527 30.91 -56.77 -19.41
C LYS B 527 30.30 -57.16 -20.75
N VAL B 528 31.14 -57.65 -21.67
CA VAL B 528 30.67 -58.08 -22.98
C VAL B 528 30.72 -59.61 -22.94
N SER B 529 29.57 -60.22 -23.16
CA SER B 529 29.49 -61.67 -23.12
C SER B 529 30.07 -62.27 -24.37
N GLY B 530 30.16 -63.59 -24.36
CA GLY B 530 30.49 -64.28 -25.58
C GLY B 530 29.21 -64.44 -26.35
N VAL B 531 29.25 -65.11 -27.48
CA VAL B 531 28.03 -65.28 -28.27
C VAL B 531 27.08 -66.21 -27.54
N LEU B 532 25.82 -65.81 -27.45
CA LEU B 532 24.79 -66.59 -26.79
C LEU B 532 23.64 -66.90 -27.73
N PRO B 533 23.00 -68.05 -27.55
CA PRO B 533 21.88 -68.39 -28.43
C PRO B 533 20.62 -67.62 -28.05
N TRP B 534 19.82 -67.25 -29.05
CA TRP B 534 18.55 -66.55 -28.82
C TRP B 534 17.41 -67.39 -29.37
N ASP B 535 17.53 -67.74 -30.64
CA ASP B 535 16.54 -68.56 -31.35
C ASP B 535 17.39 -69.40 -32.28
N VAL B 536 17.97 -70.46 -31.75
CA VAL B 536 18.85 -71.31 -32.56
C VAL B 536 18.19 -71.82 -33.83
N SER B 537 16.92 -72.19 -33.72
CA SER B 537 16.20 -72.71 -34.87
C SER B 537 16.22 -71.75 -36.04
N ASN B 538 16.36 -70.46 -35.74
CA ASN B 538 16.40 -69.45 -36.80
C ASN B 538 17.77 -68.82 -36.92
N ASN B 539 18.76 -69.48 -36.31
CA ASN B 539 20.15 -69.02 -36.38
C ASN B 539 20.40 -67.66 -35.76
N VAL B 540 19.57 -67.29 -34.78
CA VAL B 540 19.72 -65.98 -34.14
C VAL B 540 20.50 -66.12 -32.84
N TYR B 541 21.58 -65.35 -32.71
CA TYR B 541 22.42 -65.36 -31.53
C TYR B 541 22.63 -63.92 -31.14
N TYR B 542 23.24 -63.69 -29.98
CA TYR B 542 23.47 -62.31 -29.58
C TYR B 542 24.62 -62.18 -28.64
N VAL B 543 25.06 -60.94 -28.49
CA VAL B 543 26.09 -60.61 -27.54
C VAL B 543 25.38 -59.72 -26.54
N ASN B 544 25.60 -60.00 -25.27
CA ASN B 544 25.00 -59.24 -24.19
C ASN B 544 26.05 -58.27 -23.63
N VAL B 545 25.68 -57.00 -23.49
CA VAL B 545 26.63 -56.06 -22.92
C VAL B 545 25.94 -55.60 -21.63
N ASP B 546 26.59 -55.86 -20.51
CA ASP B 546 25.98 -55.56 -19.22
C ASP B 546 26.65 -54.37 -18.58
N LEU B 547 25.85 -53.43 -18.12
CA LEU B 547 26.36 -52.24 -17.46
C LEU B 547 25.91 -52.22 -16.00
N THR B 548 25.39 -53.36 -15.53
CA THR B 548 24.94 -53.45 -14.14
C THR B 548 26.07 -53.02 -13.20
N GLY B 549 25.73 -52.20 -12.20
CA GLY B 549 26.73 -51.73 -11.26
C GLY B 549 27.22 -50.32 -11.59
N GLU B 550 27.01 -49.88 -12.83
CA GLU B 550 27.44 -48.55 -13.25
C GLU B 550 26.45 -47.51 -12.74
N ASN B 551 26.98 -46.48 -12.10
CA ASN B 551 26.16 -45.40 -11.53
C ASN B 551 25.80 -44.42 -12.64
N ILE B 552 24.99 -44.85 -13.59
CA ILE B 552 24.63 -43.95 -14.68
C ILE B 552 23.48 -43.07 -14.22
N TYR B 553 23.64 -41.75 -14.33
CA TYR B 553 22.56 -40.88 -13.87
C TYR B 553 22.48 -39.62 -14.73
N PRO B 554 21.29 -39.01 -14.82
CA PRO B 554 21.10 -37.80 -15.65
C PRO B 554 21.64 -36.53 -15.00
N GLY B 555 22.97 -36.46 -14.92
CA GLY B 555 23.62 -35.32 -14.29
C GLY B 555 24.92 -34.81 -14.87
N GLY B 556 25.15 -35.06 -16.15
CA GLY B 556 26.37 -34.58 -16.78
C GLY B 556 26.62 -35.42 -18.02
N GLN B 557 27.47 -34.93 -18.92
CA GLN B 557 27.75 -35.67 -20.18
C GLN B 557 28.35 -37.04 -19.92
N SER B 558 29.32 -37.11 -19.02
N SER B 558 29.31 -37.12 -19.01
CA SER B 558 29.93 -38.40 -18.69
CA SER B 558 29.92 -38.41 -18.70
C SER B 558 29.02 -39.19 -17.75
C SER B 558 29.01 -39.19 -17.76
N ALA B 559 28.36 -38.50 -16.83
CA ALA B 559 27.47 -39.17 -15.89
C ALA B 559 26.32 -39.95 -16.53
N CYS B 560 25.71 -39.39 -17.56
CA CYS B 560 24.53 -40.01 -18.17
C CYS B 560 24.82 -41.04 -19.23
N ARG B 561 26.08 -41.30 -19.49
CA ARG B 561 26.37 -42.23 -20.59
C ARG B 561 27.43 -43.27 -20.33
N ARG B 562 27.40 -44.32 -21.14
CA ARG B 562 28.44 -45.33 -21.09
C ARG B 562 28.69 -45.76 -22.52
N GLU B 563 29.90 -45.49 -23.02
CA GLU B 563 30.26 -45.94 -24.36
C GLU B 563 30.88 -47.32 -24.22
N VAL B 564 30.57 -48.19 -25.19
CA VAL B 564 31.13 -49.54 -25.21
C VAL B 564 31.37 -49.93 -26.66
N GLN B 565 32.61 -50.29 -26.98
CA GLN B 565 32.92 -50.74 -28.32
C GLN B 565 33.09 -52.23 -28.16
N PHE B 566 32.47 -53.02 -29.03
CA PHE B 566 32.59 -54.46 -28.92
C PHE B 566 32.68 -55.03 -30.31
N ARG B 567 33.36 -56.15 -30.40
CA ARG B 567 33.58 -56.79 -31.68
C ARG B 567 33.23 -58.28 -31.62
N ILE B 568 32.73 -58.80 -32.74
CA ILE B 568 32.46 -60.24 -32.82
C ILE B 568 33.24 -60.65 -34.05
N ALA B 569 34.05 -61.70 -33.93
CA ALA B 569 34.84 -62.13 -35.07
C ALA B 569 34.77 -63.61 -35.42
N ALA B 570 34.75 -63.87 -36.73
CA ALA B 570 34.78 -65.22 -37.26
C ALA B 570 36.28 -65.55 -37.25
N PRO B 571 36.65 -66.80 -37.54
CA PRO B 571 38.08 -67.11 -37.52
C PRO B 571 38.96 -66.24 -38.40
N GLN B 572 40.16 -65.99 -37.93
CA GLN B 572 41.11 -65.19 -38.66
C GLN B 572 41.33 -65.76 -40.06
N GLY B 573 41.42 -64.90 -41.06
CA GLY B 573 41.65 -65.34 -42.42
C GLY B 573 40.42 -65.80 -43.20
N THR B 574 39.28 -65.98 -42.53
CA THR B 574 38.06 -66.41 -43.22
C THR B 574 37.31 -65.20 -43.81
N THR B 575 36.42 -65.46 -44.77
CA THR B 575 35.68 -64.38 -45.42
C THR B 575 34.18 -64.64 -45.56
N TYR B 576 33.63 -65.55 -44.77
CA TYR B 576 32.20 -65.83 -44.86
C TYR B 576 31.34 -65.08 -43.84
N TRP B 577 31.99 -64.40 -42.89
CA TRP B 577 31.26 -63.60 -41.92
C TRP B 577 30.35 -62.67 -42.74
N ASN B 578 29.07 -62.64 -42.42
CA ASN B 578 28.12 -61.78 -43.13
C ASN B 578 27.28 -60.97 -42.16
N PRO B 579 27.65 -59.70 -41.93
CA PRO B 579 26.87 -58.90 -40.99
C PRO B 579 25.53 -58.43 -41.57
N LYS B 580 25.38 -58.54 -42.89
CA LYS B 580 24.17 -58.06 -43.56
C LYS B 580 22.89 -58.77 -43.20
N ASN B 581 22.96 -60.00 -42.71
CA ASN B 581 21.72 -60.67 -42.33
C ASN B 581 21.52 -60.59 -40.83
N ASP B 582 22.33 -59.74 -40.16
CA ASP B 582 22.23 -59.61 -38.70
C ASP B 582 21.19 -58.53 -38.34
N PHE B 583 20.23 -58.88 -37.49
CA PHE B 583 19.17 -57.96 -37.08
C PHE B 583 19.71 -56.62 -36.59
N SER B 584 20.71 -56.66 -35.72
CA SER B 584 21.25 -55.42 -35.16
C SER B 584 22.15 -54.63 -36.08
N TYR B 585 22.49 -55.20 -37.24
CA TYR B 585 23.37 -54.51 -38.15
C TYR B 585 22.58 -53.71 -39.19
N ASP B 586 21.32 -54.09 -39.42
CA ASP B 586 20.47 -53.43 -40.40
C ASP B 586 20.28 -51.95 -40.12
N GLY B 587 20.66 -51.12 -41.07
CA GLY B 587 20.50 -49.69 -40.92
C GLY B 587 21.50 -49.08 -39.99
N LEU B 588 22.37 -49.90 -39.40
CA LEU B 588 23.39 -49.39 -38.49
C LEU B 588 24.17 -48.26 -39.17
N PRO B 589 24.32 -47.11 -38.47
CA PRO B 589 25.05 -45.98 -39.05
C PRO B 589 26.40 -46.51 -39.55
N THR B 590 26.74 -46.16 -40.79
CA THR B 590 27.96 -46.67 -41.42
C THR B 590 29.31 -46.04 -41.06
N THR B 591 29.35 -44.84 -40.52
CA THR B 591 30.66 -44.25 -40.21
C THR B 591 31.14 -44.71 -38.83
N SER B 592 30.93 -43.88 -37.81
CA SER B 592 31.31 -44.16 -36.44
C SER B 592 30.63 -43.09 -35.60
N THR B 593 30.09 -42.10 -36.30
CA THR B 593 29.27 -41.11 -35.63
C THR B 593 27.97 -41.79 -35.31
N VAL B 594 27.80 -42.14 -34.05
CA VAL B 594 26.64 -42.89 -33.64
C VAL B 594 25.32 -42.14 -33.76
N ASN B 595 24.27 -42.89 -34.03
CA ASN B 595 22.93 -42.35 -34.13
C ASN B 595 22.03 -43.31 -33.35
N THR B 596 20.92 -42.80 -32.84
CA THR B 596 20.01 -43.64 -32.09
C THR B 596 19.56 -44.79 -32.99
N VAL B 597 19.54 -46.00 -32.43
CA VAL B 597 19.07 -47.16 -33.18
C VAL B 597 18.01 -47.89 -32.37
N THR B 598 17.14 -48.61 -33.06
CA THR B 598 16.06 -49.30 -32.38
C THR B 598 16.16 -50.81 -32.48
N ASN B 599 17.27 -51.30 -33.04
CA ASN B 599 17.45 -52.74 -33.16
C ASN B 599 18.57 -53.34 -32.30
N ILE B 600 19.03 -52.61 -31.31
CA ILE B 600 19.95 -53.06 -30.28
C ILE B 600 19.26 -52.78 -28.96
N PRO B 601 18.24 -53.59 -28.66
CA PRO B 601 17.43 -53.36 -27.47
C PRO B 601 18.13 -53.19 -26.14
N VAL B 602 17.61 -52.25 -25.35
CA VAL B 602 18.13 -51.93 -24.04
C VAL B 602 17.19 -52.48 -22.98
N TYR B 603 17.77 -53.04 -21.93
CA TYR B 603 17.01 -53.67 -20.85
C TYR B 603 17.37 -53.03 -19.53
N ASP B 604 16.37 -52.90 -18.68
CA ASP B 604 16.53 -52.31 -17.36
C ASP B 604 16.12 -53.41 -16.40
N ASN B 605 17.09 -53.94 -15.66
CA ASN B 605 16.86 -55.05 -14.75
C ASN B 605 16.20 -56.19 -15.52
N GLY B 606 16.68 -56.42 -16.74
CA GLY B 606 16.15 -57.49 -17.57
C GLY B 606 14.88 -57.24 -18.37
N VAL B 607 14.24 -56.09 -18.16
CA VAL B 607 13.01 -55.74 -18.86
C VAL B 607 13.34 -54.83 -20.02
N LYS B 608 12.93 -55.19 -21.24
CA LYS B 608 13.22 -54.34 -22.40
C LYS B 608 12.52 -53.02 -22.28
N VAL B 609 13.28 -51.92 -22.37
CA VAL B 609 12.71 -50.59 -22.27
C VAL B 609 12.88 -49.77 -23.53
N PHE B 610 13.78 -50.18 -24.41
CA PHE B 610 14.00 -49.44 -25.64
C PHE B 610 14.43 -50.35 -26.78
N GLY B 611 13.91 -50.10 -27.96
CA GLY B 611 14.33 -50.91 -29.10
C GLY B 611 13.47 -52.15 -29.25
N ASN B 612 13.81 -52.95 -30.26
CA ASN B 612 13.08 -54.15 -30.60
C ASN B 612 13.96 -55.38 -30.67
N GLU B 613 13.35 -56.53 -30.48
CA GLU B 613 14.07 -57.79 -30.57
C GLU B 613 13.69 -58.34 -31.94
N PRO B 614 14.43 -59.32 -32.45
CA PRO B 614 14.14 -59.91 -33.77
C PRO B 614 12.69 -60.39 -33.84
#